data_5GVV
#
_entry.id   5GVV
#
_cell.length_a   75.170
_cell.length_b   88.210
_cell.length_c   128.360
_cell.angle_alpha   90.00
_cell.angle_beta   90.00
_cell.angle_gamma   90.00
#
_symmetry.space_group_name_H-M   'P 21 21 21'
#
loop_
_entity.id
_entity.type
_entity.pdbx_description
1 polymer 'Glycosyl transferase family 8'
2 non-polymer 'MANGANESE (II) ION'
3 non-polymer "URIDINE-5'-DIPHOSPHATE"
4 water water
#
_entity_poly.entity_id   1
_entity_poly.type   'polypeptide(L)'
_entity_poly.pdbx_seq_one_letter_code
;(MSE)RNTKRAVVFAGDYAYIRQIETA(MSE)KSLCRHNSHLKIYLLNQDIPQEWFSQIRIYLQE(MSE)GGDLIDCKLI
GSQFQ(MSE)NWSNKLPHINH(MSE)TFARYFIPDFVTEDKVLYLDSDLIVTGDLTDLFELDLGENYLAAARSCFGAGVG
FNAGVLLINNKKWGSETIRQKLIDLTEKEHENVEEGDQSILN(MSE)LFKDQYSSLEDQYNFQIGYDYGAATFKHQFIFD
IPLEPLPLILHYISQDKPWNQFSVGRLREVWWEYSL(MSE)DWSVILNEWFSKSVKYPSKSQIFKLQCVNLTNSWCVEKI
DYLAEQLPEVHFHIVAYTN(MSE)ANELLALTRFPNVTVYPNSLP(MSE)LLEQIVIASDLYLDLNHDRKLEDAYEFVLK
YKKP(MSE)IAFDNTCSENLSEISYEGIYPSSIPKK(MSE)VAAIRSY(MSE)R
;
_entity_poly.pdbx_strand_id   A,F
#
loop_
_chem_comp.id
_chem_comp.type
_chem_comp.name
_chem_comp.formula
MN non-polymer 'MANGANESE (II) ION' 'Mn 2'
UDP RNA linking URIDINE-5'-DIPHOSPHATE 'C9 H14 N2 O12 P2'
#
# COMPACT_ATOMS: atom_id res chain seq x y z
N ASN A 3 10.10 17.24 -27.58
CA ASN A 3 8.91 16.97 -26.78
C ASN A 3 8.92 17.70 -25.43
N THR A 4 7.80 18.34 -25.11
CA THR A 4 7.69 19.16 -23.90
C THR A 4 6.98 18.41 -22.77
N LYS A 5 7.28 18.75 -21.52
CA LYS A 5 6.66 18.10 -20.37
C LYS A 5 5.30 18.72 -20.00
N ARG A 6 4.37 17.86 -19.59
CA ARG A 6 3.06 18.31 -19.15
C ARG A 6 2.97 18.23 -17.62
N ALA A 7 2.68 19.36 -16.98
CA ALA A 7 2.66 19.44 -15.51
C ALA A 7 1.36 18.93 -14.88
N VAL A 8 1.51 18.03 -13.92
CA VAL A 8 0.37 17.40 -13.23
C VAL A 8 0.65 17.37 -11.73
N VAL A 9 -0.37 17.66 -10.91
CA VAL A 9 -0.15 17.66 -9.46
C VAL A 9 -1.16 16.78 -8.72
N PHE A 10 -0.64 15.91 -7.84
CA PHE A 10 -1.48 15.14 -6.93
C PHE A 10 -1.20 15.62 -5.51
N ALA A 11 -2.07 15.24 -4.57
CA ALA A 11 -1.89 15.59 -3.16
C ALA A 11 -2.40 14.45 -2.29
N GLY A 12 -1.56 13.93 -1.40
CA GLY A 12 -2.00 12.84 -0.56
C GLY A 12 -0.96 12.41 0.47
N ASP A 13 -1.43 11.74 1.51
CA ASP A 13 -0.54 11.25 2.56
C ASP A 13 -0.11 9.81 2.29
N TYR A 14 0.84 9.33 3.09
CA TYR A 14 1.38 7.98 2.95
C TYR A 14 0.31 6.91 3.12
N ALA A 15 -0.68 7.19 3.96
CA ALA A 15 -1.75 6.23 4.20
C ALA A 15 -2.57 6.00 2.94
N TYR A 16 -2.51 6.96 2.03
CA TYR A 16 -3.25 6.91 0.77
C TYR A 16 -2.31 6.49 -0.37
N ILE A 17 -1.12 5.99 -0.05
CA ILE A 17 -0.12 5.70 -1.08
C ILE A 17 -0.61 4.69 -2.15
N ARG A 18 -1.44 3.73 -1.77
CA ARG A 18 -1.95 2.74 -2.72
C ARG A 18 -2.88 3.38 -3.75
N GLN A 19 -3.60 4.42 -3.33
CA GLN A 19 -4.51 5.13 -4.22
C GLN A 19 -3.72 6.12 -5.07
N ILE A 20 -2.80 6.85 -4.46
CA ILE A 20 -1.96 7.79 -5.19
C ILE A 20 -1.19 7.06 -6.28
N GLU A 21 -0.57 5.93 -5.93
CA GLU A 21 0.25 5.20 -6.90
C GLU A 21 -0.58 4.61 -8.03
N THR A 22 -1.76 4.08 -7.69
CA THR A 22 -2.69 3.57 -8.69
C THR A 22 -3.14 4.66 -9.67
N ALA A 23 -3.48 5.83 -9.15
CA ALA A 23 -3.91 6.94 -10.01
C ALA A 23 -2.76 7.38 -10.93
N MSE A 24 -1.54 7.45 -10.39
CA MSE A 24 -0.38 7.81 -11.19
C MSE A 24 -0.09 6.76 -12.22
O MSE A 24 0.21 7.06 -13.36
CB MSE A 24 0.90 8.08 -10.33
CG MSE A 24 0.81 9.32 -9.47
SE MSE A 24 2.43 9.41 -8.27
CE MSE A 24 3.53 9.07 -9.82
N LYS A 25 -0.17 5.48 -11.85
CA LYS A 25 0.03 4.40 -12.81
C LYS A 25 -0.93 4.52 -14.00
N SER A 26 -2.20 4.80 -13.74
CA SER A 26 -3.18 4.91 -14.81
C SER A 26 -2.86 6.10 -15.71
N LEU A 27 -2.43 7.21 -15.10
CA LEU A 27 -2.01 8.41 -15.85
C LEU A 27 -0.81 8.12 -16.75
N CYS A 28 0.21 7.47 -16.20
CA CYS A 28 1.45 7.21 -16.93
C CYS A 28 1.28 6.12 -17.98
N ARG A 29 0.32 5.23 -17.75
CA ARG A 29 -0.01 4.18 -18.70
C ARG A 29 -0.39 4.78 -20.06
N HIS A 30 -1.08 5.92 -20.04
CA HIS A 30 -1.66 6.46 -21.26
C HIS A 30 -1.08 7.81 -21.68
N ASN A 31 -0.18 8.36 -20.86
CA ASN A 31 0.40 9.67 -21.11
C ASN A 31 1.88 9.73 -20.73
N SER A 32 2.73 10.09 -21.68
CA SER A 32 4.16 10.24 -21.41
C SER A 32 4.54 11.70 -21.20
N HIS A 33 5.82 11.95 -20.94
CA HIS A 33 6.36 13.30 -20.75
C HIS A 33 5.60 14.10 -19.69
N LEU A 34 5.50 13.54 -18.49
CA LEU A 34 4.75 14.18 -17.42
C LEU A 34 5.67 14.69 -16.31
N LYS A 35 5.54 15.97 -15.98
CA LYS A 35 6.20 16.50 -14.80
C LYS A 35 5.17 16.46 -13.67
N ILE A 36 5.32 15.47 -12.81
CA ILE A 36 4.35 15.24 -11.74
C ILE A 36 4.81 15.81 -10.40
N TYR A 37 4.02 16.70 -9.82
CA TYR A 37 4.25 17.18 -8.47
C TYR A 37 3.39 16.34 -7.52
N LEU A 38 3.94 15.98 -6.36
CA LEU A 38 3.14 15.28 -5.35
C LEU A 38 3.25 15.98 -4.01
N LEU A 39 2.17 16.66 -3.62
CA LEU A 39 2.14 17.34 -2.33
C LEU A 39 1.90 16.32 -1.21
N ASN A 40 2.78 16.29 -0.22
CA ASN A 40 2.66 15.34 0.87
C ASN A 40 3.45 15.79 2.09
N GLN A 41 3.27 15.10 3.21
CA GLN A 41 4.01 15.39 4.43
C GLN A 41 4.90 14.22 4.83
N ASP A 42 4.42 13.01 4.58
CA ASP A 42 5.03 11.84 5.23
C ASP A 42 5.37 10.67 4.31
N ILE A 43 5.39 10.88 2.99
CA ILE A 43 5.76 9.81 2.08
C ILE A 43 7.28 9.57 2.09
N PRO A 44 7.68 8.31 2.32
CA PRO A 44 9.10 7.93 2.40
C PRO A 44 9.89 8.24 1.14
N GLN A 45 11.13 8.68 1.32
CA GLN A 45 11.99 9.09 0.22
C GLN A 45 12.29 7.96 -0.77
N GLU A 46 12.35 6.74 -0.25
CA GLU A 46 12.65 5.56 -1.07
C GLU A 46 11.60 5.35 -2.16
N TRP A 47 10.35 5.63 -1.82
CA TRP A 47 9.27 5.52 -2.78
C TRP A 47 9.48 6.53 -3.91
N PHE A 48 9.76 7.77 -3.54
CA PHE A 48 10.02 8.82 -4.52
C PHE A 48 11.19 8.51 -5.45
N SER A 49 12.30 8.02 -4.87
CA SER A 49 13.47 7.70 -5.68
C SER A 49 13.18 6.75 -6.83
N GLN A 50 12.49 5.65 -6.54
CA GLN A 50 12.20 4.64 -7.56
C GLN A 50 11.22 5.12 -8.61
N ILE A 51 10.12 5.72 -8.16
CA ILE A 51 9.07 6.15 -9.08
C ILE A 51 9.60 7.29 -9.96
N ARG A 52 10.47 8.12 -9.39
CA ARG A 52 11.07 9.24 -10.14
C ARG A 52 11.84 8.72 -11.34
N ILE A 53 12.55 7.61 -11.17
CA ILE A 53 13.25 6.96 -12.27
C ILE A 53 12.28 6.54 -13.38
N TYR A 54 11.14 5.98 -12.99
CA TYR A 54 10.14 5.58 -13.97
C TYR A 54 9.68 6.78 -14.79
N LEU A 55 9.35 7.87 -14.10
CA LEU A 55 8.85 9.07 -14.74
C LEU A 55 9.88 9.63 -15.72
N GLN A 56 11.14 9.66 -15.31
CA GLN A 56 12.21 10.16 -16.17
C GLN A 56 12.43 9.30 -17.41
N GLU A 57 12.30 7.99 -17.24
CA GLU A 57 12.47 7.08 -18.36
C GLU A 57 11.37 7.26 -19.40
N MSE A 58 10.27 7.82 -18.96
CA MSE A 58 9.14 8.07 -19.84
C MSE A 58 9.17 9.54 -20.30
O MSE A 58 8.22 10.01 -20.90
CB MSE A 58 7.82 7.69 -19.20
CG MSE A 58 7.71 6.18 -18.97
SE MSE A 58 5.90 5.86 -18.21
CE MSE A 58 5.79 6.59 -16.44
N GLY A 59 10.29 10.23 -20.04
CA GLY A 59 10.49 11.59 -20.50
C GLY A 59 9.92 12.67 -19.60
N GLY A 60 9.68 12.32 -18.33
CA GLY A 60 9.11 13.27 -17.40
C GLY A 60 9.92 13.38 -16.12
N ASP A 61 9.27 13.73 -15.01
CA ASP A 61 9.95 13.80 -13.73
C ASP A 61 8.94 13.67 -12.58
N LEU A 62 9.46 13.55 -11.36
CA LEU A 62 8.61 13.46 -10.17
C LEU A 62 9.13 14.39 -9.09
N ILE A 63 8.28 15.33 -8.66
CA ILE A 63 8.70 16.36 -7.72
C ILE A 63 8.08 16.12 -6.35
N ASP A 64 8.93 15.96 -5.34
CA ASP A 64 8.48 15.75 -3.97
C ASP A 64 8.19 17.09 -3.33
N CYS A 65 6.91 17.42 -3.16
CA CYS A 65 6.54 18.69 -2.55
C CYS A 65 6.17 18.47 -1.09
N LYS A 66 7.14 18.69 -0.21
CA LYS A 66 6.96 18.41 1.21
C LYS A 66 6.29 19.57 1.95
N LEU A 67 5.07 19.32 2.43
CA LEU A 67 4.34 20.32 3.21
C LEU A 67 4.75 20.22 4.67
N ILE A 68 6.01 20.50 4.94
CA ILE A 68 6.54 20.45 6.30
C ILE A 68 6.91 21.85 6.74
N GLY A 69 6.28 22.32 7.81
CA GLY A 69 6.52 23.67 8.29
C GLY A 69 5.24 24.37 8.72
N SER A 70 5.38 25.49 9.41
CA SER A 70 4.25 26.24 9.95
C SER A 70 3.46 26.96 8.88
N GLN A 71 4.13 27.37 7.79
CA GLN A 71 3.47 28.07 6.69
C GLN A 71 2.40 27.19 6.05
N PHE A 72 2.49 25.89 6.30
CA PHE A 72 1.41 24.96 5.95
C PHE A 72 0.66 24.62 7.24
N HIS A 85 -3.65 18.77 5.53
CA HIS A 85 -4.39 17.53 5.32
C HIS A 85 -5.55 17.40 6.32
N MSE A 86 -6.67 16.83 5.94
CA MSE A 86 -6.88 16.13 4.73
C MSE A 86 -6.79 16.54 3.31
O MSE A 86 -5.81 16.35 2.59
CB MSE A 86 -8.34 15.67 4.80
CG MSE A 86 -8.70 15.01 6.12
SE MSE A 86 -9.84 13.48 5.68
CE MSE A 86 -11.45 13.89 6.73
N THR A 87 -7.92 17.07 2.90
CA THR A 87 -8.18 17.32 1.49
C THR A 87 -7.93 18.77 1.08
N PHE A 88 -7.16 19.48 1.89
CA PHE A 88 -7.00 20.92 1.74
C PHE A 88 -5.67 21.33 1.10
N ALA A 89 -4.82 20.35 0.82
CA ALA A 89 -3.44 20.63 0.41
C ALA A 89 -3.35 21.27 -0.98
N ARG A 90 -4.41 21.13 -1.77
CA ARG A 90 -4.41 21.68 -3.14
C ARG A 90 -4.37 23.21 -3.14
N TYR A 91 -4.63 23.82 -1.99
CA TYR A 91 -4.52 25.26 -1.83
C TYR A 91 -3.09 25.75 -2.11
N PHE A 92 -2.11 24.93 -1.73
CA PHE A 92 -0.69 25.33 -1.79
C PHE A 92 -0.03 25.04 -3.13
N ILE A 93 -0.82 24.69 -4.13
CA ILE A 93 -0.29 24.39 -5.46
C ILE A 93 0.67 25.47 -6.03
N PRO A 94 0.25 26.75 -6.03
CA PRO A 94 1.15 27.73 -6.66
C PRO A 94 2.41 28.01 -5.84
N ASP A 95 2.55 27.39 -4.68
CA ASP A 95 3.77 27.54 -3.89
C ASP A 95 4.86 26.56 -4.33
N PHE A 96 4.49 25.58 -5.15
CA PHE A 96 5.43 24.56 -5.61
C PHE A 96 5.60 24.50 -7.12
N VAL A 97 4.48 24.64 -7.85
CA VAL A 97 4.49 24.47 -9.30
C VAL A 97 5.04 25.71 -10.01
N THR A 98 5.98 25.51 -10.93
CA THR A 98 6.65 26.63 -11.61
C THR A 98 6.02 26.90 -12.98
N GLU A 99 5.21 25.96 -13.46
CA GLU A 99 4.57 26.12 -14.75
C GLU A 99 3.36 27.05 -14.66
N ASP A 100 3.06 27.74 -15.75
CA ASP A 100 1.93 28.67 -15.77
C ASP A 100 0.59 27.93 -15.78
N LYS A 101 0.59 26.70 -16.30
CA LYS A 101 -0.61 25.86 -16.27
C LYS A 101 -0.30 24.46 -15.75
N VAL A 102 -1.23 23.91 -14.96
CA VAL A 102 -1.05 22.60 -14.36
C VAL A 102 -2.39 21.89 -14.16
N LEU A 103 -2.39 20.56 -14.28
CA LEU A 103 -3.60 19.78 -14.04
C LEU A 103 -3.55 19.13 -12.65
N TYR A 104 -4.42 19.57 -11.75
CA TYR A 104 -4.57 18.88 -10.46
C TYR A 104 -5.48 17.66 -10.58
N LEU A 105 -5.10 16.57 -9.92
CA LEU A 105 -5.97 15.40 -9.89
C LEU A 105 -6.11 14.84 -8.48
N ASP A 106 -7.35 14.49 -8.11
CA ASP A 106 -7.58 13.69 -6.91
C ASP A 106 -6.87 12.34 -7.12
N SER A 107 -6.75 11.54 -6.06
CA SER A 107 -6.08 10.25 -6.19
C SER A 107 -7.05 9.08 -6.05
N ASP A 108 -8.33 9.38 -5.87
CA ASP A 108 -9.37 8.35 -5.90
C ASP A 108 -9.93 8.30 -7.32
N LEU A 109 -9.04 8.34 -8.30
CA LEU A 109 -9.46 8.32 -9.69
C LEU A 109 -8.53 7.51 -10.59
N ILE A 110 -9.01 7.27 -11.80
CA ILE A 110 -8.30 6.47 -12.79
C ILE A 110 -8.34 7.17 -14.16
N VAL A 111 -7.17 7.32 -14.79
CA VAL A 111 -7.09 7.83 -16.16
C VAL A 111 -7.07 6.64 -17.11
N THR A 112 -7.91 6.67 -18.14
CA THR A 112 -8.05 5.52 -19.03
C THR A 112 -7.55 5.77 -20.44
N GLY A 113 -7.04 6.97 -20.71
CA GLY A 113 -6.55 7.29 -22.04
C GLY A 113 -5.78 8.59 -22.14
N ASP A 114 -5.45 8.95 -23.38
CA ASP A 114 -4.67 10.15 -23.68
C ASP A 114 -5.44 11.40 -23.26
N LEU A 115 -4.80 12.26 -22.47
CA LEU A 115 -5.43 13.50 -21.99
C LEU A 115 -4.98 14.75 -22.76
N THR A 116 -4.41 14.54 -23.96
CA THR A 116 -3.85 15.64 -24.75
C THR A 116 -4.79 16.86 -24.87
N ASP A 117 -6.03 16.61 -25.25
CA ASP A 117 -7.03 17.67 -25.41
C ASP A 117 -7.26 18.45 -24.12
N LEU A 118 -7.13 17.77 -22.99
CA LEU A 118 -7.28 18.41 -21.68
C LEU A 118 -6.05 19.24 -21.33
N PHE A 119 -4.87 18.69 -21.61
CA PHE A 119 -3.61 19.40 -21.37
C PHE A 119 -3.54 20.70 -22.19
N GLU A 120 -4.13 20.66 -23.39
CA GLU A 120 -3.99 21.76 -24.34
C GLU A 120 -5.14 22.75 -24.31
N LEU A 121 -6.07 22.58 -23.37
CA LEU A 121 -7.21 23.48 -23.28
C LEU A 121 -6.74 24.89 -22.97
N ASP A 122 -7.31 25.88 -23.66
CA ASP A 122 -6.97 27.27 -23.39
C ASP A 122 -7.92 27.83 -22.33
N LEU A 123 -7.34 28.31 -21.23
CA LEU A 123 -8.13 28.81 -20.11
C LEU A 123 -8.57 30.26 -20.28
N GLY A 124 -7.93 30.98 -21.20
CA GLY A 124 -8.19 32.40 -21.34
C GLY A 124 -7.90 33.14 -20.05
N GLU A 125 -8.90 33.85 -19.55
CA GLU A 125 -8.75 34.61 -18.30
C GLU A 125 -9.38 33.87 -17.13
N ASN A 126 -9.93 32.68 -17.39
CA ASN A 126 -10.48 31.86 -16.32
C ASN A 126 -9.40 31.36 -15.37
N TYR A 127 -9.68 31.40 -14.07
CA TYR A 127 -8.74 30.91 -13.06
C TYR A 127 -8.50 29.41 -13.22
N LEU A 128 -9.50 28.70 -13.74
CA LEU A 128 -9.42 27.25 -13.91
C LEU A 128 -10.47 26.69 -14.86
N ALA A 129 -10.34 25.40 -15.15
CA ALA A 129 -11.37 24.65 -15.87
C ALA A 129 -11.76 23.44 -15.03
N ALA A 130 -13.05 23.11 -14.99
CA ALA A 130 -13.51 21.99 -14.18
C ALA A 130 -14.82 21.41 -14.71
N ALA A 131 -15.11 20.16 -14.35
CA ALA A 131 -16.38 19.53 -14.72
C ALA A 131 -17.44 19.82 -13.67
N ARG A 132 -18.71 19.78 -14.08
CA ARG A 132 -19.81 20.00 -13.14
C ARG A 132 -19.87 18.88 -12.12
N SER A 133 -20.52 19.15 -10.99
CA SER A 133 -20.65 18.17 -9.91
C SER A 133 -21.76 17.17 -10.19
N CYS A 134 -21.39 15.88 -10.21
CA CYS A 134 -22.33 14.77 -10.41
C CYS A 134 -23.33 14.98 -11.53
N PHE A 135 -22.83 15.19 -12.74
CA PHE A 135 -23.68 15.28 -13.93
C PHE A 135 -24.72 16.40 -13.86
N GLY A 136 -24.54 17.30 -12.89
CA GLY A 136 -25.46 18.40 -12.70
C GLY A 136 -26.37 18.24 -11.48
N ALA A 137 -26.19 17.14 -10.75
CA ALA A 137 -26.99 16.89 -9.55
C ALA A 137 -26.57 17.79 -8.42
N GLY A 138 -25.26 17.96 -8.28
CA GLY A 138 -24.72 18.84 -7.27
C GLY A 138 -24.64 20.26 -7.78
N VAL A 139 -24.15 21.16 -6.94
CA VAL A 139 -24.03 22.55 -7.31
C VAL A 139 -22.57 22.88 -7.62
N GLY A 140 -22.35 23.74 -8.61
CA GLY A 140 -21.00 24.12 -8.99
C GLY A 140 -20.22 22.96 -9.58
N PHE A 141 -18.89 23.08 -9.55
CA PHE A 141 -18.02 22.08 -10.17
C PHE A 141 -17.44 21.10 -9.16
N ASN A 142 -17.04 19.93 -9.65
CA ASN A 142 -16.30 18.98 -8.81
C ASN A 142 -14.82 19.36 -8.80
N ALA A 143 -14.21 19.32 -7.61
CA ALA A 143 -12.86 19.84 -7.43
C ALA A 143 -11.76 18.81 -7.69
N GLY A 144 -12.15 17.58 -8.01
CA GLY A 144 -11.21 16.49 -8.15
C GLY A 144 -10.37 16.53 -9.40
N VAL A 145 -10.78 17.32 -10.38
CA VAL A 145 -9.99 17.51 -11.61
C VAL A 145 -9.99 18.98 -11.96
N LEU A 146 -8.84 19.63 -11.82
CA LEU A 146 -8.76 21.06 -12.04
C LEU A 146 -7.64 21.40 -13.01
N LEU A 147 -7.99 21.92 -14.18
CA LEU A 147 -7.00 22.53 -15.05
C LEU A 147 -6.78 23.94 -14.54
N ILE A 148 -5.59 24.19 -14.00
CA ILE A 148 -5.36 25.39 -13.20
C ILE A 148 -4.47 26.43 -13.89
N ASN A 149 -4.93 27.69 -13.91
CA ASN A 149 -4.12 28.81 -14.36
C ASN A 149 -3.17 29.18 -13.22
N ASN A 150 -2.06 28.47 -13.11
CA ASN A 150 -1.14 28.61 -11.98
C ASN A 150 -0.55 30.02 -11.81
N LYS A 151 -0.30 30.70 -12.93
CA LYS A 151 0.25 32.05 -12.90
C LYS A 151 -0.72 33.00 -12.19
N LYS A 152 -1.99 32.93 -12.60
CA LYS A 152 -3.04 33.75 -12.00
C LYS A 152 -3.23 33.47 -10.52
N TRP A 153 -3.17 32.18 -10.16
CA TRP A 153 -3.24 31.75 -8.76
C TRP A 153 -2.12 32.37 -7.93
N GLY A 154 -0.97 32.58 -8.56
CA GLY A 154 0.17 33.18 -7.90
C GLY A 154 -0.02 34.66 -7.61
N SER A 155 -0.45 35.41 -8.63
CA SER A 155 -0.59 36.86 -8.53
C SER A 155 -1.82 37.32 -7.73
N GLU A 156 -2.91 36.58 -7.86
CA GLU A 156 -4.15 36.94 -7.17
C GLU A 156 -4.12 36.44 -5.72
N THR A 157 -2.99 35.88 -5.30
CA THR A 157 -2.83 35.30 -3.96
C THR A 157 -3.98 34.38 -3.54
N ILE A 158 -4.31 33.42 -4.41
CA ILE A 158 -5.45 32.54 -4.20
C ILE A 158 -5.26 31.61 -2.99
N ARG A 159 -4.02 31.17 -2.76
CA ARG A 159 -3.73 30.28 -1.63
C ARG A 159 -4.17 30.91 -0.31
N GLN A 160 -3.80 32.16 -0.09
CA GLN A 160 -4.16 32.84 1.14
C GLN A 160 -5.67 33.09 1.21
N LYS A 161 -6.26 33.37 0.05
CA LYS A 161 -7.69 33.66 -0.03
C LYS A 161 -8.54 32.43 0.30
N LEU A 162 -8.10 31.26 -0.14
CA LEU A 162 -8.79 30.02 0.16
C LEU A 162 -8.69 29.67 1.65
N ILE A 163 -7.49 29.81 2.19
CA ILE A 163 -7.23 29.54 3.62
C ILE A 163 -8.08 30.45 4.49
N ASP A 164 -7.98 31.76 4.25
CA ASP A 164 -8.76 32.75 4.97
C ASP A 164 -10.26 32.47 4.88
N LEU A 165 -10.75 32.17 3.68
CA LEU A 165 -12.17 31.88 3.51
C LEU A 165 -12.55 30.55 4.13
N THR A 166 -11.66 29.56 4.07
CA THR A 166 -11.93 28.27 4.71
C THR A 166 -11.90 28.43 6.24
N GLU A 167 -11.18 29.45 6.70
CA GLU A 167 -11.14 29.74 8.13
C GLU A 167 -12.48 30.23 8.64
N LYS A 168 -13.10 31.16 7.92
CA LYS A 168 -14.53 31.40 8.09
C LYS A 168 -15.20 30.16 7.53
N GLU A 169 -16.46 29.93 7.92
CA GLU A 169 -17.34 29.06 7.15
C GLU A 169 -16.85 27.66 6.74
N HIS A 170 -15.92 27.06 7.48
CA HIS A 170 -15.66 25.64 7.27
C HIS A 170 -16.70 24.84 8.04
N GLU A 171 -17.25 25.48 9.07
CA GLU A 171 -18.34 24.88 9.83
C GLU A 171 -19.71 25.15 9.21
N ASN A 172 -19.73 25.88 8.10
CA ASN A 172 -20.99 26.25 7.45
C ASN A 172 -21.20 25.61 6.07
N VAL A 173 -20.27 24.74 5.66
CA VAL A 173 -20.35 24.17 4.32
C VAL A 173 -20.46 22.65 4.30
N GLU A 174 -21.06 22.13 3.23
CA GLU A 174 -21.39 20.71 3.15
C GLU A 174 -20.25 19.87 2.57
N GLU A 175 -19.44 20.46 1.70
CA GLU A 175 -18.42 19.70 0.98
C GLU A 175 -17.00 20.28 1.07
N GLY A 176 -16.68 20.89 2.22
CA GLY A 176 -15.34 21.31 2.54
C GLY A 176 -14.61 22.19 1.52
N ASP A 177 -13.39 21.78 1.17
CA ASP A 177 -12.54 22.50 0.23
C ASP A 177 -13.25 22.81 -1.09
N GLN A 178 -14.09 21.87 -1.52
CA GLN A 178 -14.83 22.01 -2.76
C GLN A 178 -15.83 23.16 -2.65
N SER A 179 -16.57 23.20 -1.55
CA SER A 179 -17.49 24.30 -1.27
C SER A 179 -16.77 25.64 -1.25
N ILE A 180 -15.54 25.63 -0.71
CA ILE A 180 -14.72 26.83 -0.64
C ILE A 180 -14.29 27.30 -2.03
N LEU A 181 -13.85 26.34 -2.85
CA LEU A 181 -13.40 26.65 -4.22
C LEU A 181 -14.52 27.24 -5.08
N ASN A 182 -15.72 26.70 -4.95
CA ASN A 182 -16.87 27.21 -5.68
C ASN A 182 -17.30 28.58 -5.18
N MSE A 183 -17.24 28.76 -3.87
CA MSE A 183 -17.64 30.04 -3.31
C MSE A 183 -16.66 31.12 -3.65
O MSE A 183 -17.04 32.26 -3.58
CB MSE A 183 -17.85 29.88 -1.82
CG MSE A 183 -17.53 31.08 -0.97
SE MSE A 183 -18.17 30.81 0.81
CE MSE A 183 -18.65 28.92 0.74
N LEU A 184 -15.42 30.82 -3.98
CA LEU A 184 -14.41 31.82 -4.32
C LEU A 184 -14.37 32.14 -5.81
N PHE A 185 -14.70 31.15 -6.64
CA PHE A 185 -14.36 31.18 -8.07
C PHE A 185 -15.52 31.31 -9.06
N LYS A 186 -16.75 31.16 -8.58
CA LYS A 186 -17.94 31.19 -9.44
C LYS A 186 -17.87 32.30 -10.49
N ASP A 187 -18.38 32.02 -11.69
CA ASP A 187 -18.41 32.97 -12.81
C ASP A 187 -17.02 33.27 -13.41
N GLN A 188 -15.99 32.56 -12.96
CA GLN A 188 -14.66 32.71 -13.54
C GLN A 188 -13.96 31.37 -13.73
N TYR A 189 -14.69 30.38 -14.24
CA TYR A 189 -14.10 29.09 -14.59
C TYR A 189 -14.64 28.54 -15.90
N SER A 190 -13.79 27.79 -16.61
CA SER A 190 -14.17 27.12 -17.85
C SER A 190 -14.76 25.74 -17.54
N SER A 191 -15.58 25.23 -18.45
CA SER A 191 -16.22 23.93 -18.27
C SER A 191 -15.48 22.80 -18.97
N LEU A 192 -15.35 21.66 -18.27
CA LEU A 192 -14.85 20.44 -18.88
C LEU A 192 -16.01 19.49 -19.11
N GLU A 193 -15.94 18.67 -20.16
CA GLU A 193 -16.92 17.62 -20.39
C GLU A 193 -16.94 16.64 -19.22
N ASP A 194 -18.07 15.97 -19.00
CA ASP A 194 -18.19 15.03 -17.90
C ASP A 194 -17.14 13.92 -17.97
N GLN A 195 -16.72 13.56 -19.17
CA GLN A 195 -15.79 12.44 -19.34
C GLN A 195 -14.38 12.75 -18.81
N TYR A 196 -14.11 14.00 -18.50
CA TYR A 196 -12.81 14.38 -17.94
C TYR A 196 -12.83 14.42 -16.42
N ASN A 197 -14.00 14.11 -15.86
CA ASN A 197 -14.18 13.92 -14.43
C ASN A 197 -15.50 13.18 -14.25
N PHE A 198 -15.52 11.91 -14.64
CA PHE A 198 -16.74 11.12 -14.66
C PHE A 198 -16.95 10.49 -13.30
N GLN A 199 -17.89 11.05 -12.54
CA GLN A 199 -18.05 10.71 -11.13
C GLN A 199 -18.87 9.46 -10.91
N ILE A 200 -18.28 8.32 -11.26
CA ILE A 200 -18.91 7.02 -11.12
C ILE A 200 -19.16 6.67 -9.65
N GLY A 201 -18.49 7.40 -8.75
CA GLY A 201 -18.68 7.20 -7.33
C GLY A 201 -20.04 7.68 -6.85
N TYR A 202 -20.72 8.47 -7.69
CA TYR A 202 -22.03 9.01 -7.35
C TYR A 202 -23.14 7.95 -7.43
N ASP A 203 -22.80 6.78 -7.93
CA ASP A 203 -23.79 5.70 -8.12
C ASP A 203 -24.70 5.48 -6.91
N TYR A 204 -24.10 5.38 -5.73
CA TYR A 204 -24.87 5.20 -4.51
C TYR A 204 -25.79 6.39 -4.27
N GLY A 205 -25.25 7.60 -4.48
CA GLY A 205 -26.06 8.79 -4.35
C GLY A 205 -27.20 8.81 -5.37
N ALA A 206 -26.88 8.48 -6.62
CA ALA A 206 -27.87 8.50 -7.69
C ALA A 206 -28.98 7.49 -7.42
N ALA A 207 -28.61 6.30 -6.98
CA ALA A 207 -29.60 5.29 -6.63
C ALA A 207 -30.41 5.71 -5.40
N THR A 208 -29.76 6.45 -4.50
CA THR A 208 -30.43 7.01 -3.32
C THR A 208 -31.53 7.99 -3.73
N PHE A 209 -31.18 8.96 -4.56
CA PHE A 209 -32.12 10.00 -4.96
C PHE A 209 -32.94 9.59 -6.19
N LYS A 210 -32.74 8.36 -6.64
CA LYS A 210 -33.52 7.77 -7.72
C LYS A 210 -33.37 8.52 -9.05
N HIS A 211 -32.13 8.87 -9.37
CA HIS A 211 -31.78 9.51 -10.63
C HIS A 211 -31.53 8.45 -11.70
N GLN A 212 -32.61 7.84 -12.19
CA GLN A 212 -32.54 6.65 -13.05
C GLN A 212 -31.68 6.81 -14.31
N PHE A 213 -31.65 8.00 -14.87
CA PHE A 213 -30.98 8.22 -16.15
C PHE A 213 -29.46 8.32 -16.06
N ILE A 214 -28.96 8.51 -14.84
CA ILE A 214 -27.52 8.50 -14.61
C ILE A 214 -26.96 7.16 -15.07
N PHE A 215 -27.74 6.11 -14.84
CA PHE A 215 -27.32 4.74 -15.16
C PHE A 215 -27.49 4.38 -16.62
N ASP A 216 -28.07 5.30 -17.40
CA ASP A 216 -28.21 5.12 -18.84
C ASP A 216 -27.09 5.83 -19.60
N ILE A 217 -26.24 6.57 -18.87
CA ILE A 217 -25.08 7.19 -19.48
C ILE A 217 -24.08 6.11 -19.87
N PRO A 218 -23.65 6.10 -21.15
CA PRO A 218 -22.77 5.07 -21.71
C PRO A 218 -21.42 4.96 -21.00
N LEU A 219 -20.96 3.73 -20.79
CA LEU A 219 -19.68 3.48 -20.14
C LEU A 219 -18.69 2.79 -21.10
N GLU A 220 -19.17 2.50 -22.30
CA GLU A 220 -18.33 1.96 -23.37
C GLU A 220 -18.32 2.96 -24.52
N PRO A 221 -17.15 3.50 -24.84
CA PRO A 221 -15.85 3.24 -24.19
C PRO A 221 -15.75 3.98 -22.86
N LEU A 222 -14.80 3.56 -22.03
CA LEU A 222 -14.58 4.20 -20.74
C LEU A 222 -14.38 5.71 -20.87
N PRO A 223 -14.97 6.48 -19.94
CA PRO A 223 -14.65 7.91 -19.89
C PRO A 223 -13.17 8.09 -19.59
N LEU A 224 -12.56 9.16 -20.10
CA LEU A 224 -11.13 9.37 -19.94
C LEU A 224 -10.69 9.46 -18.47
N ILE A 225 -11.56 10.03 -17.63
CA ILE A 225 -11.23 10.09 -16.20
C ILE A 225 -12.38 9.58 -15.33
N LEU A 226 -12.12 8.52 -14.57
CA LEU A 226 -13.10 7.93 -13.66
C LEU A 226 -12.84 8.37 -12.24
N HIS A 227 -13.80 9.06 -11.63
CA HIS A 227 -13.63 9.61 -10.28
C HIS A 227 -14.52 8.86 -9.28
N TYR A 228 -13.90 8.08 -8.40
CA TYR A 228 -14.64 7.32 -7.42
C TYR A 228 -14.94 8.14 -6.16
N ILE A 229 -15.75 9.18 -6.31
CA ILE A 229 -16.13 10.03 -5.18
C ILE A 229 -16.94 9.26 -4.16
N SER A 230 -17.15 9.87 -3.00
CA SER A 230 -17.91 9.29 -1.86
C SER A 230 -17.08 8.27 -1.07
N GLN A 231 -17.69 7.68 -0.05
CA GLN A 231 -16.98 6.72 0.76
C GLN A 231 -17.11 5.30 0.23
N ASP A 232 -17.81 5.15 -0.89
CA ASP A 232 -18.00 3.86 -1.52
C ASP A 232 -16.84 3.58 -2.49
N LYS A 233 -15.62 3.45 -1.94
CA LYS A 233 -14.42 3.31 -2.76
C LYS A 233 -14.26 1.88 -3.28
N PRO A 234 -13.81 1.72 -4.54
CA PRO A 234 -13.74 0.38 -5.14
C PRO A 234 -12.64 -0.48 -4.52
N TRP A 235 -11.73 0.15 -3.78
CA TRP A 235 -10.66 -0.59 -3.14
C TRP A 235 -11.05 -1.16 -1.77
N ASN A 236 -12.23 -0.81 -1.29
CA ASN A 236 -12.72 -1.37 -0.04
C ASN A 236 -13.03 -2.86 -0.25
N GLN A 237 -13.14 -3.62 0.83
CA GLN A 237 -13.47 -5.04 0.70
C GLN A 237 -14.79 -5.18 -0.03
N PHE A 238 -15.74 -4.32 0.30
CA PHE A 238 -17.02 -4.29 -0.39
C PHE A 238 -17.31 -2.89 -0.94
N SER A 239 -17.95 -2.84 -2.09
CA SER A 239 -18.43 -1.58 -2.69
C SER A 239 -19.64 -1.91 -3.54
N VAL A 240 -20.41 -0.90 -3.91
CA VAL A 240 -21.66 -1.15 -4.63
C VAL A 240 -21.72 -0.41 -5.96
N GLY A 241 -20.85 0.58 -6.14
CA GLY A 241 -20.82 1.34 -7.39
C GLY A 241 -20.22 0.54 -8.53
N ARG A 242 -20.46 1.00 -9.75
CA ARG A 242 -19.97 0.31 -10.95
C ARG A 242 -18.50 0.61 -11.23
N LEU A 243 -17.88 -0.25 -12.02
CA LEU A 243 -16.51 -0.06 -12.54
C LEU A 243 -15.43 -0.33 -11.48
N ARG A 244 -15.79 -1.08 -10.45
CA ARG A 244 -14.85 -1.50 -9.41
C ARG A 244 -13.64 -2.21 -10.02
N GLU A 245 -13.90 -3.02 -11.05
CA GLU A 245 -12.85 -3.81 -11.70
C GLU A 245 -11.77 -2.97 -12.38
N VAL A 246 -12.14 -1.77 -12.81
CA VAL A 246 -11.19 -0.89 -13.50
C VAL A 246 -10.09 -0.41 -12.54
N TRP A 247 -10.46 -0.08 -11.31
CA TRP A 247 -9.49 0.40 -10.34
C TRP A 247 -8.48 -0.69 -10.03
N TRP A 248 -8.96 -1.91 -9.83
CA TRP A 248 -8.09 -3.02 -9.49
C TRP A 248 -7.13 -3.37 -10.63
N GLU A 249 -7.62 -3.24 -11.86
CA GLU A 249 -6.81 -3.48 -13.05
C GLU A 249 -5.53 -2.63 -13.04
N TYR A 250 -5.66 -1.38 -12.62
CA TYR A 250 -4.49 -0.51 -12.55
C TYR A 250 -3.69 -0.68 -11.26
N SER A 251 -4.37 -0.97 -10.16
CA SER A 251 -3.67 -1.20 -8.88
C SER A 251 -2.71 -2.39 -8.97
N LEU A 252 -3.14 -3.43 -9.67
CA LEU A 252 -2.37 -4.67 -9.76
C LEU A 252 -1.42 -4.70 -10.95
N MSE A 253 -1.35 -3.58 -11.68
CA MSE A 253 -0.47 -3.48 -12.84
C MSE A 253 0.95 -3.17 -12.37
O MSE A 253 1.16 -2.22 -11.60
CB MSE A 253 -0.99 -2.39 -13.78
CG MSE A 253 -0.23 -2.25 -15.09
SE MSE A 253 -1.08 -0.95 -16.27
CE MSE A 253 -2.59 -2.04 -16.85
N ASP A 254 1.92 -3.98 -12.80
CA ASP A 254 3.32 -3.70 -12.51
C ASP A 254 3.76 -2.46 -13.26
N TRP A 255 4.72 -1.72 -12.71
CA TRP A 255 5.26 -0.56 -13.40
C TRP A 255 6.00 -1.02 -14.66
N SER A 256 6.52 -2.24 -14.61
CA SER A 256 7.22 -2.83 -15.75
C SER A 256 6.33 -2.95 -16.98
N VAL A 257 5.06 -3.28 -16.78
CA VAL A 257 4.08 -3.31 -17.88
C VAL A 257 3.97 -1.93 -18.51
N ILE A 258 3.88 -0.91 -17.68
CA ILE A 258 3.72 0.47 -18.15
C ILE A 258 4.95 0.93 -18.92
N LEU A 259 6.12 0.68 -18.36
CA LEU A 259 7.38 1.06 -19.01
C LEU A 259 7.59 0.28 -20.31
N ASN A 260 7.25 -1.00 -20.32
CA ASN A 260 7.40 -1.82 -21.51
C ASN A 260 6.57 -1.36 -22.71
N GLU A 261 5.37 -0.86 -22.45
CA GLU A 261 4.51 -0.33 -23.51
C GLU A 261 5.16 0.88 -24.19
N TRP A 262 5.69 1.80 -23.38
CA TRP A 262 6.35 2.98 -23.91
C TRP A 262 7.68 2.62 -24.58
N PHE A 263 8.47 1.76 -23.95
CA PHE A 263 9.76 1.35 -24.50
C PHE A 263 9.59 0.61 -25.83
N SER A 264 8.54 -0.19 -25.96
CA SER A 264 8.31 -0.93 -27.19
C SER A 264 7.92 -0.03 -28.37
N LYS A 265 7.56 1.22 -28.07
CA LYS A 265 7.29 2.19 -29.12
C LYS A 265 8.42 3.20 -29.19
N SER A 266 9.56 2.80 -28.63
CA SER A 266 10.79 3.61 -28.66
C SER A 266 10.71 4.91 -27.88
N VAL A 267 9.75 5.02 -26.98
CA VAL A 267 9.70 6.15 -26.06
C VAL A 267 10.50 5.81 -24.79
N LYS A 268 11.81 6.04 -24.85
CA LYS A 268 12.72 5.69 -23.76
C LYS A 268 13.67 6.84 -23.55
N TYR A 269 13.84 7.25 -22.31
CA TYR A 269 14.80 8.30 -21.96
C TYR A 269 15.69 7.79 -20.84
N PRO A 270 16.96 8.26 -20.81
CA PRO A 270 17.86 7.75 -19.78
C PRO A 270 17.42 8.15 -18.39
N SER A 271 17.49 7.24 -17.43
CA SER A 271 17.29 7.59 -16.03
C SER A 271 18.37 8.58 -15.63
N LYS A 272 18.01 9.58 -14.83
CA LYS A 272 18.98 10.60 -14.41
C LYS A 272 19.58 10.27 -13.04
N SER A 273 19.22 9.11 -12.51
CA SER A 273 19.71 8.72 -11.19
C SER A 273 21.20 8.43 -11.25
N GLN A 274 21.91 8.73 -10.17
CA GLN A 274 23.32 8.43 -10.09
C GLN A 274 23.65 7.83 -8.73
N ILE A 275 24.66 6.97 -8.70
CA ILE A 275 25.13 6.36 -7.47
C ILE A 275 25.91 7.40 -6.69
N PHE A 276 25.88 7.32 -5.36
CA PHE A 276 26.55 8.30 -4.53
C PHE A 276 28.08 8.13 -4.59
N LYS A 277 28.79 9.25 -4.57
CA LYS A 277 30.25 9.23 -4.67
C LYS A 277 30.89 9.47 -3.31
N LEU A 278 30.07 9.79 -2.32
CA LEU A 278 30.58 10.10 -0.98
C LEU A 278 29.45 10.03 0.04
N GLN A 279 29.79 9.66 1.27
CA GLN A 279 28.83 9.59 2.37
C GLN A 279 29.25 10.50 3.51
N CYS A 280 28.41 11.48 3.83
CA CYS A 280 28.74 12.45 4.88
C CYS A 280 27.82 12.31 6.08
N VAL A 281 28.34 12.63 7.26
CA VAL A 281 27.56 12.49 8.48
C VAL A 281 27.73 13.67 9.42
N ASN A 282 26.64 14.05 10.08
CA ASN A 282 26.70 15.02 11.17
C ASN A 282 25.73 14.62 12.27
N LEU A 283 26.11 14.88 13.51
CA LEU A 283 25.26 14.64 14.65
C LEU A 283 24.89 15.99 15.25
N THR A 284 23.60 16.29 15.30
CA THR A 284 23.14 17.57 15.85
C THR A 284 22.13 17.34 16.96
N ASN A 285 22.02 18.29 17.88
CA ASN A 285 20.91 18.29 18.81
C ASN A 285 20.04 19.51 18.55
N SER A 286 20.51 20.37 17.66
CA SER A 286 19.83 21.62 17.34
C SER A 286 19.19 21.60 15.95
N TRP A 287 18.30 22.54 15.69
CA TRP A 287 17.64 22.64 14.39
C TRP A 287 18.58 23.13 13.31
N CYS A 288 19.51 24.00 13.67
CA CYS A 288 20.37 24.62 12.66
C CYS A 288 21.64 23.84 12.39
N VAL A 289 21.64 23.15 11.26
CA VAL A 289 22.85 22.55 10.70
C VAL A 289 23.28 23.54 9.63
N GLU A 290 24.46 24.13 9.78
CA GLU A 290 24.89 25.24 8.94
C GLU A 290 24.95 24.92 7.46
N LYS A 291 24.13 25.65 6.69
CA LYS A 291 24.13 25.56 5.22
C LYS A 291 23.74 24.19 4.67
N ILE A 292 23.08 23.35 5.46
CA ILE A 292 22.76 21.99 5.01
C ILE A 292 21.86 21.94 3.76
N ASP A 293 20.89 22.84 3.68
CA ASP A 293 20.01 22.89 2.51
C ASP A 293 20.81 23.22 1.26
N TYR A 294 21.67 24.23 1.39
CA TYR A 294 22.51 24.65 0.27
C TYR A 294 23.43 23.51 -0.17
N LEU A 295 24.08 22.85 0.79
CA LEU A 295 25.00 21.75 0.48
C LEU A 295 24.27 20.61 -0.23
N ALA A 296 23.09 20.26 0.27
CA ALA A 296 22.28 19.23 -0.35
C ALA A 296 21.95 19.58 -1.79
N GLU A 297 21.54 20.83 -2.02
CA GLU A 297 21.19 21.30 -3.35
C GLU A 297 22.38 21.21 -4.30
N GLN A 298 23.55 21.60 -3.81
CA GLN A 298 24.76 21.68 -4.63
C GLN A 298 25.46 20.33 -4.85
N LEU A 299 25.21 19.37 -3.96
CA LEU A 299 25.92 18.09 -4.01
C LEU A 299 24.99 16.89 -4.07
N PRO A 300 24.26 16.73 -5.19
CA PRO A 300 23.30 15.61 -5.33
C PRO A 300 24.00 14.25 -5.29
N GLU A 301 25.31 14.25 -5.52
CA GLU A 301 26.06 13.00 -5.56
C GLU A 301 26.69 12.67 -4.20
N VAL A 302 26.39 13.49 -3.19
CA VAL A 302 26.77 13.19 -1.82
C VAL A 302 25.52 12.78 -1.04
N HIS A 303 25.61 11.69 -0.29
CA HIS A 303 24.53 11.28 0.59
C HIS A 303 24.82 11.79 2.00
N PHE A 304 24.01 12.73 2.46
CA PHE A 304 24.20 13.30 3.80
C PHE A 304 23.37 12.54 4.81
N HIS A 305 23.97 12.23 5.95
CA HIS A 305 23.25 11.59 7.04
C HIS A 305 23.24 12.54 8.22
N ILE A 306 22.05 13.00 8.61
CA ILE A 306 21.93 13.92 9.74
C ILE A 306 21.24 13.19 10.89
N VAL A 307 21.98 13.01 11.99
CA VAL A 307 21.52 12.20 13.10
C VAL A 307 21.23 13.09 14.31
N ALA A 308 20.19 12.75 15.07
CA ALA A 308 19.92 13.42 16.34
C ALA A 308 19.48 12.37 17.35
N TYR A 309 19.60 12.67 18.63
CA TYR A 309 19.22 11.74 19.68
C TYR A 309 17.82 12.07 20.20
N THR A 310 17.14 13.00 19.52
CA THR A 310 15.88 13.52 20.01
C THR A 310 14.98 13.90 18.84
N ASN A 311 13.80 14.44 19.13
CA ASN A 311 12.89 14.94 18.10
C ASN A 311 13.56 16.04 17.28
N MSE A 312 13.21 16.15 16.01
CA MSE A 312 13.83 17.16 15.15
C MSE A 312 12.83 18.25 14.76
O MSE A 312 11.63 17.99 14.63
CB MSE A 312 14.42 16.52 13.89
CG MSE A 312 15.71 15.74 14.10
SE MSE A 312 16.20 14.94 12.39
CE MSE A 312 18.00 14.32 12.78
N ALA A 313 13.35 19.45 14.55
CA ALA A 313 12.53 20.58 14.12
C ALA A 313 12.14 20.44 12.65
N ASN A 314 11.11 21.17 12.25
CA ASN A 314 10.62 21.12 10.88
C ASN A 314 11.70 21.45 9.86
N GLU A 315 12.62 22.34 10.22
CA GLU A 315 13.73 22.71 9.34
C GLU A 315 14.54 21.50 8.90
N LEU A 316 14.72 20.54 9.81
CA LEU A 316 15.49 19.33 9.51
C LEU A 316 14.60 18.26 8.88
N LEU A 317 13.35 18.15 9.33
CA LEU A 317 12.45 17.15 8.77
C LEU A 317 12.14 17.48 7.32
N ALA A 318 12.07 18.76 7.00
CA ALA A 318 11.79 19.18 5.63
C ALA A 318 12.90 18.80 4.66
N LEU A 319 14.06 18.40 5.18
CA LEU A 319 15.17 17.95 4.34
C LEU A 319 14.84 16.68 3.57
N THR A 320 13.73 16.03 3.91
CA THR A 320 13.26 14.85 3.18
C THR A 320 12.85 15.15 1.73
N ARG A 321 12.74 16.42 1.38
CA ARG A 321 12.41 16.80 0.02
C ARG A 321 13.59 16.57 -0.92
N PHE A 322 14.79 16.41 -0.33
CA PHE A 322 15.99 16.11 -1.09
C PHE A 322 16.17 14.60 -1.19
N PRO A 323 16.59 14.13 -2.37
CA PRO A 323 16.80 12.69 -2.59
C PRO A 323 18.11 12.21 -1.96
N ASN A 324 18.95 13.14 -1.52
CA ASN A 324 20.26 12.77 -1.00
C ASN A 324 20.52 13.09 0.49
N VAL A 325 19.46 13.37 1.25
CA VAL A 325 19.62 13.60 2.68
C VAL A 325 18.82 12.58 3.45
N THR A 326 19.49 11.86 4.35
CA THR A 326 18.77 10.99 5.28
C THR A 326 18.85 11.57 6.68
N VAL A 327 17.69 11.65 7.32
CA VAL A 327 17.48 12.32 8.59
C VAL A 327 17.04 11.28 9.63
N TYR A 328 17.72 11.23 10.78
CA TYR A 328 17.45 10.18 11.76
C TYR A 328 17.06 10.74 13.12
N PRO A 329 15.82 11.21 13.26
CA PRO A 329 15.44 11.71 14.59
C PRO A 329 15.38 10.58 15.60
N ASN A 330 15.56 10.89 16.89
CA ASN A 330 15.42 9.90 17.95
C ASN A 330 16.32 8.69 17.82
N SER A 331 17.56 8.92 17.40
CA SER A 331 18.53 7.83 17.29
C SER A 331 19.28 7.72 18.62
N LEU A 332 20.29 6.85 18.66
CA LEU A 332 21.05 6.63 19.89
C LEU A 332 22.53 6.43 19.54
N PRO A 333 23.44 6.62 20.52
CA PRO A 333 24.88 6.54 20.26
C PRO A 333 25.37 5.28 19.52
N MSE A 334 24.83 4.11 19.81
CA MSE A 334 25.28 2.89 19.11
C MSE A 334 24.91 2.89 17.65
O MSE A 334 25.58 2.31 16.82
CB MSE A 334 24.80 1.68 19.89
CG MSE A 334 25.70 1.46 21.11
SE MSE A 334 24.99 -0.01 22.24
CE MSE A 334 26.18 0.38 23.80
N LEU A 335 23.83 3.58 17.36
CA LEU A 335 23.37 3.68 15.97
C LEU A 335 24.17 4.73 15.20
N LEU A 336 24.43 5.87 15.85
CA LEU A 336 25.30 6.89 15.27
C LEU A 336 26.69 6.33 15.00
N GLU A 337 27.21 5.51 15.91
CA GLU A 337 28.53 4.92 15.72
C GLU A 337 28.61 4.10 14.43
N GLN A 338 27.56 3.32 14.14
CA GLN A 338 27.57 2.48 12.95
C GLN A 338 27.51 3.33 11.66
N ILE A 339 26.79 4.45 11.73
CA ILE A 339 26.72 5.37 10.60
C ILE A 339 28.09 6.03 10.36
N VAL A 340 28.78 6.39 11.44
CA VAL A 340 30.10 7.00 11.32
C VAL A 340 31.09 6.05 10.64
N ILE A 341 31.12 4.79 11.11
CA ILE A 341 31.96 3.76 10.50
C ILE A 341 31.70 3.65 8.99
N ALA A 342 30.44 3.81 8.61
CA ALA A 342 30.03 3.68 7.21
C ALA A 342 30.26 4.95 6.37
N SER A 343 30.61 6.05 7.02
CA SER A 343 30.74 7.33 6.30
C SER A 343 32.17 7.60 5.84
N ASP A 344 32.32 8.54 4.91
CA ASP A 344 33.62 8.90 4.35
C ASP A 344 34.15 10.17 4.99
N LEU A 345 33.25 10.99 5.53
CA LEU A 345 33.62 12.33 5.96
C LEU A 345 32.64 12.88 6.99
N TYR A 346 33.16 13.36 8.12
CA TYR A 346 32.30 13.99 9.12
C TYR A 346 32.20 15.50 8.85
N LEU A 347 30.97 16.01 8.88
CA LEU A 347 30.74 17.45 8.74
C LEU A 347 30.30 18.06 10.07
N ASP A 348 31.21 18.80 10.69
CA ASP A 348 30.91 19.45 11.97
C ASP A 348 30.14 20.74 11.72
N LEU A 349 28.83 20.62 11.52
CA LEU A 349 28.03 21.76 11.10
C LEU A 349 27.00 22.22 12.13
N ASN A 350 26.90 21.50 13.25
CA ASN A 350 25.88 21.79 14.25
C ASN A 350 26.28 22.92 15.19
N HIS A 351 25.30 23.74 15.59
CA HIS A 351 25.57 24.97 16.31
C HIS A 351 25.63 24.90 17.84
N ASP A 352 24.91 23.96 18.46
CA ASP A 352 24.92 23.94 19.92
C ASP A 352 26.12 23.17 20.49
N ARG A 353 26.12 22.94 21.80
CA ARG A 353 27.24 22.30 22.46
C ARG A 353 27.57 20.94 21.87
N LYS A 354 28.85 20.71 21.66
CA LYS A 354 29.30 19.52 20.94
C LYS A 354 29.17 18.24 21.75
N LEU A 355 28.83 17.16 21.06
CA LEU A 355 28.75 15.85 21.68
C LEU A 355 30.06 15.12 21.38
N GLU A 356 30.94 15.09 22.37
CA GLU A 356 32.33 14.66 22.20
C GLU A 356 32.51 13.30 21.53
N ASP A 357 31.79 12.28 22.01
CA ASP A 357 31.97 10.92 21.51
C ASP A 357 31.91 10.77 19.97
N ALA A 358 31.23 11.69 19.30
CA ALA A 358 31.24 11.69 17.85
C ALA A 358 32.66 11.92 17.35
N TYR A 359 33.35 12.88 17.98
CA TYR A 359 34.76 13.12 17.71
C TYR A 359 35.56 11.85 18.03
N GLU A 360 35.19 11.18 19.12
CA GLU A 360 35.86 9.93 19.50
C GLU A 360 35.69 8.88 18.41
N PHE A 361 34.46 8.72 17.92
CA PHE A 361 34.20 7.79 16.83
C PHE A 361 34.99 8.24 15.60
N VAL A 362 35.00 9.54 15.33
CA VAL A 362 35.73 10.10 14.19
C VAL A 362 37.22 9.75 14.23
N LEU A 363 37.85 9.97 15.38
CA LEU A 363 39.26 9.64 15.58
C LEU A 363 39.52 8.13 15.47
N LYS A 364 38.72 7.37 16.19
CA LYS A 364 38.84 5.92 16.29
C LYS A 364 38.80 5.23 14.92
N TYR A 365 37.92 5.71 14.05
CA TYR A 365 37.77 5.09 12.74
C TYR A 365 38.48 5.87 11.62
N LYS A 366 39.37 6.79 12.04
CA LYS A 366 40.21 7.55 11.13
C LYS A 366 39.45 8.29 10.04
N LYS A 367 38.40 9.00 10.42
CA LYS A 367 37.60 9.74 9.45
C LYS A 367 38.05 11.20 9.38
N PRO A 368 38.18 11.74 8.16
CA PRO A 368 38.47 13.17 7.98
C PRO A 368 37.27 13.97 8.45
N MSE A 369 37.50 15.18 8.93
CA MSE A 369 36.43 16.03 9.44
C MSE A 369 36.69 17.48 9.06
O MSE A 369 37.81 17.98 9.19
CB MSE A 369 36.33 15.88 10.97
CG MSE A 369 35.32 16.79 11.63
SE MSE A 369 35.15 16.38 13.53
CE MSE A 369 37.02 16.57 14.06
N ILE A 370 35.66 18.16 8.58
CA ILE A 370 35.79 19.57 8.21
C ILE A 370 34.67 20.37 8.87
N ALA A 371 34.82 21.69 8.88
CA ALA A 371 33.85 22.52 9.59
C ALA A 371 33.73 23.91 8.95
N PHE A 372 32.71 24.66 9.38
CA PHE A 372 32.62 26.08 9.02
C PHE A 372 33.29 26.89 10.11
N ASP A 373 33.66 28.13 9.78
CA ASP A 373 34.31 29.05 10.73
C ASP A 373 33.49 29.19 12.01
N ASN A 374 32.17 29.15 11.88
CA ASN A 374 31.28 29.35 13.01
C ASN A 374 30.69 28.06 13.60
N THR A 375 31.19 26.91 13.17
CA THR A 375 30.70 25.64 13.71
C THR A 375 31.81 24.76 14.29
N CYS A 376 33.06 25.17 14.12
CA CYS A 376 34.17 24.42 14.69
C CYS A 376 34.12 24.52 16.21
N SER A 377 34.47 23.43 16.89
CA SER A 377 34.38 23.36 18.33
C SER A 377 35.29 24.37 19.03
N GLU A 378 34.84 24.89 20.17
CA GLU A 378 35.63 25.82 20.96
C GLU A 378 36.72 25.07 21.71
N ASN A 379 36.51 23.76 21.91
CA ASN A 379 37.43 22.96 22.70
C ASN A 379 38.39 22.13 21.83
N LEU A 380 38.39 22.43 20.53
CA LEU A 380 39.26 21.75 19.57
C LEU A 380 40.22 22.77 18.96
N SER A 381 41.41 22.33 18.57
CA SER A 381 42.35 23.21 17.86
C SER A 381 42.07 23.16 16.36
N GLU A 382 42.34 24.26 15.66
CA GLU A 382 42.03 24.37 14.23
C GLU A 382 42.55 23.20 13.41
N ILE A 383 43.82 22.87 13.60
CA ILE A 383 44.46 21.81 12.82
C ILE A 383 43.95 20.40 13.17
N SER A 384 43.02 20.32 14.11
CA SER A 384 42.34 19.06 14.39
C SER A 384 41.31 18.75 13.30
N TYR A 385 40.95 19.79 12.54
CA TYR A 385 40.11 19.63 11.35
C TYR A 385 40.99 19.54 10.11
N GLU A 386 40.53 18.81 9.09
CA GLU A 386 41.21 18.79 7.80
C GLU A 386 41.03 20.12 7.09
N GLY A 387 39.99 20.87 7.48
CA GLY A 387 39.71 22.15 6.87
C GLY A 387 38.59 22.90 7.57
N ILE A 388 38.72 24.22 7.66
CA ILE A 388 37.70 25.08 8.23
C ILE A 388 37.35 26.17 7.21
N TYR A 389 36.08 26.21 6.78
CA TYR A 389 35.67 26.99 5.61
C TYR A 389 34.70 28.11 6.00
N PRO A 390 34.68 29.21 5.23
CA PRO A 390 33.82 30.35 5.59
C PRO A 390 32.34 30.12 5.35
N SER A 391 31.53 30.30 6.38
CA SER A 391 30.09 30.03 6.30
C SER A 391 29.33 30.98 5.36
N SER A 392 29.89 32.16 5.12
CA SER A 392 29.23 33.09 4.20
C SER A 392 29.63 32.84 2.75
N ILE A 393 30.57 31.92 2.54
CA ILE A 393 30.93 31.49 1.19
C ILE A 393 30.99 29.95 1.15
N PRO A 394 29.82 29.30 1.24
CA PRO A 394 29.75 27.84 1.34
C PRO A 394 30.17 27.11 0.06
N LYS A 395 30.32 27.84 -1.04
CA LYS A 395 30.86 27.26 -2.27
C LYS A 395 32.21 26.61 -1.98
N LYS A 396 32.96 27.21 -1.04
CA LYS A 396 34.26 26.69 -0.66
C LYS A 396 34.21 25.33 0.01
N MSE A 397 33.16 25.07 0.79
CA MSE A 397 33.04 23.75 1.40
C MSE A 397 32.55 22.72 0.39
O MSE A 397 32.89 21.54 0.47
CB MSE A 397 32.14 23.73 2.64
CG MSE A 397 32.17 22.35 3.32
SE MSE A 397 31.05 22.25 4.86
CE MSE A 397 32.12 23.30 6.07
N VAL A 398 31.72 23.19 -0.55
CA VAL A 398 31.27 22.34 -1.66
C VAL A 398 32.49 21.75 -2.36
N ALA A 399 33.40 22.64 -2.75
CA ALA A 399 34.65 22.25 -3.40
C ALA A 399 35.49 21.35 -2.49
N ALA A 400 35.52 21.67 -1.21
CA ALA A 400 36.25 20.86 -0.24
C ALA A 400 35.71 19.43 -0.20
N ILE A 401 34.39 19.32 -0.13
CA ILE A 401 33.75 18.01 -0.10
C ILE A 401 34.04 17.19 -1.36
N ARG A 402 33.97 17.83 -2.52
CA ARG A 402 34.27 17.15 -3.79
C ARG A 402 35.71 16.66 -3.91
N SER A 403 36.62 17.26 -3.14
CA SER A 403 38.02 16.85 -3.17
C SER A 403 38.20 15.47 -2.54
N TYR A 404 37.23 15.04 -1.74
CA TYR A 404 37.29 13.73 -1.09
C TYR A 404 36.78 12.61 -1.99
N MSE A 405 36.26 12.97 -3.12
CA MSE A 405 35.80 11.95 -3.98
C MSE A 405 36.72 11.40 -4.98
O MSE A 405 37.42 12.13 -5.66
CB MSE A 405 34.73 12.55 -4.89
CG MSE A 405 33.69 13.29 -4.12
SE MSE A 405 32.34 13.99 -5.39
CE MSE A 405 31.02 14.56 -4.12
N ARG A 406 36.69 10.08 -5.06
CA ARG A 406 37.25 9.29 -6.18
C ARG A 406 37.24 7.80 -5.87
N LYS B 5 4.94 -29.16 -2.89
CA LYS B 5 4.65 -27.81 -2.44
C LYS B 5 4.86 -27.65 -0.94
N ARG B 6 5.70 -26.68 -0.58
CA ARG B 6 6.00 -26.35 0.80
C ARG B 6 4.92 -25.40 1.33
N ALA B 7 4.33 -25.73 2.47
CA ALA B 7 3.26 -24.93 3.03
C ALA B 7 3.81 -23.77 3.88
N VAL B 8 3.33 -22.56 3.59
CA VAL B 8 3.74 -21.36 4.31
C VAL B 8 2.48 -20.61 4.69
N VAL B 9 2.44 -20.04 5.88
CA VAL B 9 1.27 -19.29 6.30
C VAL B 9 1.62 -17.89 6.80
N PHE B 10 0.95 -16.89 6.22
CA PHE B 10 1.02 -15.53 6.71
C PHE B 10 -0.33 -15.18 7.34
N ALA B 11 -0.36 -14.13 8.15
CA ALA B 11 -1.61 -13.67 8.73
C ALA B 11 -1.52 -12.16 8.86
N GLY B 12 -2.59 -11.47 8.45
CA GLY B 12 -2.59 -10.03 8.56
C GLY B 12 -3.83 -9.40 7.96
N ASP B 13 -4.04 -8.12 8.26
CA ASP B 13 -5.21 -7.43 7.73
C ASP B 13 -4.87 -6.54 6.54
N TYR B 14 -5.90 -6.04 5.88
CA TYR B 14 -5.78 -5.21 4.67
C TYR B 14 -4.93 -3.97 4.92
N ALA B 15 -4.96 -3.42 6.13
CA ALA B 15 -4.15 -2.25 6.46
C ALA B 15 -2.67 -2.58 6.35
N TYR B 16 -2.34 -3.86 6.46
CA TYR B 16 -0.96 -4.32 6.44
C TYR B 16 -0.60 -4.92 5.08
N ILE B 17 -1.42 -4.66 4.06
CA ILE B 17 -1.26 -5.32 2.77
C ILE B 17 0.09 -5.01 2.09
N ARG B 18 0.64 -3.82 2.33
CA ARG B 18 1.92 -3.46 1.74
C ARG B 18 3.04 -4.29 2.35
N GLN B 19 2.90 -4.61 3.62
CA GLN B 19 3.91 -5.40 4.32
C GLN B 19 3.76 -6.88 3.97
N ILE B 20 2.51 -7.35 3.92
CA ILE B 20 2.25 -8.73 3.53
C ILE B 20 2.77 -9.03 2.13
N GLU B 21 2.47 -8.15 1.18
CA GLU B 21 2.86 -8.41 -0.20
C GLU B 21 4.37 -8.35 -0.38
N THR B 22 5.02 -7.43 0.32
CA THR B 22 6.47 -7.33 0.31
C THR B 22 7.10 -8.61 0.85
N ALA B 23 6.64 -9.05 2.01
CA ALA B 23 7.13 -10.29 2.61
C ALA B 23 6.96 -11.47 1.65
N MSE B 24 5.78 -11.61 1.03
CA MSE B 24 5.54 -12.64 0.07
C MSE B 24 6.42 -12.56 -1.10
O MSE B 24 6.94 -13.55 -1.54
CB MSE B 24 4.06 -12.70 -0.41
CG MSE B 24 3.16 -12.81 0.78
SE MSE B 24 1.27 -13.14 0.10
CE MSE B 24 1.76 -14.10 -1.47
N LYS B 25 6.60 -11.36 -1.63
CA LYS B 25 7.51 -11.15 -2.76
C LYS B 25 8.91 -11.67 -2.45
N SER B 26 9.44 -11.28 -1.29
CA SER B 26 10.79 -11.68 -0.91
C SER B 26 10.86 -13.20 -0.81
N LEU B 27 9.82 -13.81 -0.25
CA LEU B 27 9.73 -15.27 -0.16
C LEU B 27 9.75 -15.92 -1.55
N CYS B 28 8.89 -15.45 -2.45
CA CYS B 28 8.74 -16.05 -3.78
C CYS B 28 9.94 -15.78 -4.68
N ARG B 29 10.62 -14.67 -4.41
CA ARG B 29 11.82 -14.31 -5.15
C ARG B 29 12.88 -15.41 -5.05
N HIS B 30 12.91 -16.09 -3.91
CA HIS B 30 14.00 -17.02 -3.63
C HIS B 30 13.53 -18.47 -3.43
N ASN B 31 12.22 -18.68 -3.42
CA ASN B 31 11.66 -20.03 -3.23
C ASN B 31 10.46 -20.30 -4.14
N SER B 32 10.49 -21.44 -4.84
CA SER B 32 9.41 -21.78 -5.77
C SER B 32 8.52 -22.90 -5.21
N HIS B 33 7.43 -23.18 -5.90
CA HIS B 33 6.50 -24.26 -5.52
C HIS B 33 6.03 -24.10 -4.07
N LEU B 34 5.44 -22.95 -3.77
CA LEU B 34 4.97 -22.69 -2.42
C LEU B 34 3.45 -22.69 -2.36
N LYS B 35 2.89 -23.40 -1.38
CA LYS B 35 1.46 -23.30 -1.10
C LYS B 35 1.29 -22.30 0.04
N ILE B 36 0.88 -21.08 -0.30
CA ILE B 36 0.77 -20.00 0.67
C ILE B 36 -0.66 -19.83 1.16
N TYR B 37 -0.84 -19.96 2.47
CA TYR B 37 -2.11 -19.65 3.11
C TYR B 37 -2.03 -18.23 3.67
N LEU B 38 -3.10 -17.45 3.52
CA LEU B 38 -3.12 -16.12 4.11
C LEU B 38 -4.35 -15.92 4.98
N LEU B 39 -4.14 -15.89 6.29
CA LEU B 39 -5.23 -15.65 7.23
C LEU B 39 -5.55 -14.16 7.31
N ASN B 40 -6.81 -13.82 7.09
CA ASN B 40 -7.23 -12.42 7.05
C ASN B 40 -8.75 -12.32 7.21
N GLN B 41 -9.24 -11.10 7.46
CA GLN B 41 -10.68 -10.87 7.53
C GLN B 41 -11.15 -10.00 6.38
N ASP B 42 -10.30 -9.06 5.96
CA ASP B 42 -10.79 -7.97 5.13
C ASP B 42 -10.02 -7.70 3.82
N ILE B 43 -9.14 -8.60 3.40
CA ILE B 43 -8.43 -8.39 2.13
C ILE B 43 -9.35 -8.65 0.92
N PRO B 44 -9.43 -7.67 0.01
CA PRO B 44 -10.28 -7.76 -1.19
C PRO B 44 -9.95 -8.95 -2.09
N GLN B 45 -10.98 -9.54 -2.71
CA GLN B 45 -10.82 -10.75 -3.51
C GLN B 45 -9.98 -10.53 -4.77
N GLU B 46 -10.01 -9.31 -5.30
CA GLU B 46 -9.27 -8.94 -6.50
C GLU B 46 -7.77 -9.11 -6.31
N TRP B 47 -7.28 -8.74 -5.14
CA TRP B 47 -5.87 -8.88 -4.82
C TRP B 47 -5.52 -10.36 -4.83
N PHE B 48 -6.35 -11.18 -4.17
CA PHE B 48 -6.11 -12.62 -4.12
C PHE B 48 -6.12 -13.24 -5.51
N SER B 49 -7.07 -12.83 -6.35
CA SER B 49 -7.17 -13.43 -7.68
C SER B 49 -5.91 -13.23 -8.51
N GLN B 50 -5.34 -12.03 -8.44
CA GLN B 50 -4.14 -11.71 -9.20
C GLN B 50 -2.89 -12.40 -8.64
N ILE B 51 -2.68 -12.29 -7.34
CA ILE B 51 -1.48 -12.87 -6.72
C ILE B 51 -1.50 -14.39 -6.81
N ARG B 52 -2.71 -14.97 -6.82
CA ARG B 52 -2.86 -16.42 -6.99
C ARG B 52 -2.32 -16.90 -8.33
N ILE B 53 -2.58 -16.12 -9.38
CA ILE B 53 -2.01 -16.40 -10.69
C ILE B 53 -0.47 -16.47 -10.64
N TYR B 54 0.17 -15.48 -10.00
CA TYR B 54 1.63 -15.46 -9.89
C TYR B 54 2.16 -16.70 -9.16
N LEU B 55 1.52 -17.06 -8.04
CA LEU B 55 1.96 -18.21 -7.26
C LEU B 55 1.85 -19.51 -8.05
N GLN B 56 0.81 -19.62 -8.88
CA GLN B 56 0.60 -20.82 -9.69
C GLN B 56 1.61 -20.96 -10.82
N GLU B 57 1.99 -19.83 -11.42
CA GLU B 57 2.97 -19.84 -12.49
C GLU B 57 4.34 -20.28 -11.96
N MSE B 58 4.52 -20.13 -10.66
CA MSE B 58 5.74 -20.52 -9.99
C MSE B 58 5.60 -21.93 -9.40
O MSE B 58 6.46 -22.35 -8.71
CB MSE B 58 6.06 -19.45 -8.95
CG MSE B 58 6.42 -18.13 -9.61
SE MSE B 58 7.22 -16.93 -8.23
CE MSE B 58 5.75 -16.59 -7.08
N GLY B 59 4.50 -22.64 -9.70
CA GLY B 59 4.30 -24.01 -9.25
C GLY B 59 3.62 -24.16 -7.90
N GLY B 60 3.02 -23.08 -7.40
CA GLY B 60 2.40 -23.11 -6.10
C GLY B 60 0.93 -22.71 -6.13
N ASP B 61 0.46 -22.13 -5.04
CA ASP B 61 -0.93 -21.69 -4.95
C ASP B 61 -1.07 -20.68 -3.81
N LEU B 62 -2.20 -19.96 -3.80
CA LEU B 62 -2.51 -19.00 -2.75
C LEU B 62 -3.89 -19.28 -2.20
N ILE B 63 -3.98 -19.48 -0.89
CA ILE B 63 -5.24 -19.89 -0.26
C ILE B 63 -5.79 -18.78 0.63
N ASP B 64 -6.98 -18.29 0.32
CA ASP B 64 -7.60 -17.23 1.12
C ASP B 64 -8.26 -17.84 2.36
N CYS B 65 -7.69 -17.56 3.52
CA CYS B 65 -8.24 -18.09 4.76
C CYS B 65 -8.98 -17.00 5.51
N LYS B 66 -10.29 -16.92 5.29
CA LYS B 66 -11.09 -15.85 5.86
C LYS B 66 -11.51 -16.14 7.29
N LEU B 67 -11.03 -15.34 8.23
CA LEU B 67 -11.42 -15.49 9.62
C LEU B 67 -12.72 -14.72 9.84
N ILE B 68 -13.80 -15.19 9.24
CA ILE B 68 -15.10 -14.54 9.39
C ILE B 68 -16.07 -15.45 10.13
N GLY B 69 -16.53 -14.98 11.29
CA GLY B 69 -17.35 -15.77 12.17
C GLY B 69 -17.02 -15.43 13.62
N SER B 70 -17.95 -15.69 14.53
CA SER B 70 -17.80 -15.34 15.95
C SER B 70 -16.62 -16.04 16.62
N GLN B 71 -16.35 -17.28 16.21
CA GLN B 71 -15.30 -18.10 16.83
C GLN B 71 -13.89 -17.61 16.49
N PHE B 72 -13.78 -16.43 15.88
CA PHE B 72 -12.50 -15.87 15.47
C PHE B 72 -12.15 -14.62 16.29
N MSE B 86 -5.33 -7.58 16.72
CA MSE B 86 -4.34 -7.94 15.75
C MSE B 86 -3.80 -9.28 16.08
O MSE B 86 -4.51 -10.13 16.73
CB MSE B 86 -3.10 -7.14 16.30
CG MSE B 86 -3.22 -5.60 16.40
SE MSE B 86 -1.49 -4.70 16.56
CE MSE B 86 -1.82 -3.52 18.10
N THR B 87 -2.53 -9.43 15.64
CA THR B 87 -1.49 -10.39 16.03
C THR B 87 -1.81 -11.79 16.62
N PHE B 88 -3.08 -12.19 16.71
CA PHE B 88 -3.37 -13.50 17.33
C PHE B 88 -3.94 -14.53 16.37
N ALA B 89 -3.94 -14.24 15.08
CA ALA B 89 -4.56 -15.11 14.09
C ALA B 89 -3.85 -16.46 13.95
N ARG B 90 -2.56 -16.50 14.30
CA ARG B 90 -1.76 -17.72 14.11
C ARG B 90 -2.22 -18.90 14.96
N TYR B 91 -3.10 -18.65 15.93
CA TYR B 91 -3.69 -19.72 16.72
C TYR B 91 -4.55 -20.62 15.82
N PHE B 92 -5.17 -20.02 14.81
CA PHE B 92 -6.14 -20.72 13.98
C PHE B 92 -5.54 -21.50 12.81
N ILE B 93 -4.21 -21.50 12.72
CA ILE B 93 -3.51 -22.22 11.65
C ILE B 93 -3.99 -23.66 11.35
N PRO B 94 -4.13 -24.51 12.39
CA PRO B 94 -4.53 -25.89 12.08
C PRO B 94 -5.97 -26.03 11.60
N ASP B 95 -6.76 -24.96 11.67
CA ASP B 95 -8.13 -25.00 11.19
C ASP B 95 -8.18 -24.83 9.67
N PHE B 96 -7.13 -24.25 9.10
CA PHE B 96 -7.08 -24.00 7.65
C PHE B 96 -6.06 -24.86 6.92
N VAL B 97 -4.89 -25.05 7.54
CA VAL B 97 -3.80 -25.75 6.87
C VAL B 97 -3.97 -27.27 6.96
N THR B 98 -3.82 -27.95 5.83
CA THR B 98 -4.06 -29.39 5.75
C THR B 98 -2.77 -30.18 5.81
N GLU B 99 -1.67 -29.55 5.44
CA GLU B 99 -0.36 -30.21 5.47
C GLU B 99 0.03 -30.55 6.91
N ASP B 100 0.89 -31.58 7.06
CA ASP B 100 1.32 -32.01 8.37
C ASP B 100 2.32 -31.04 8.98
N LYS B 101 3.01 -30.30 8.11
CA LYS B 101 4.03 -29.34 8.54
C LYS B 101 3.85 -28.04 7.76
N VAL B 102 4.09 -26.92 8.42
CA VAL B 102 3.86 -25.62 7.80
C VAL B 102 4.78 -24.57 8.43
N LEU B 103 5.23 -23.61 7.62
CA LEU B 103 6.06 -22.51 8.11
C LEU B 103 5.22 -21.25 8.29
N TYR B 104 5.02 -20.83 9.54
CA TYR B 104 4.38 -19.53 9.77
C TYR B 104 5.43 -18.42 9.66
N LEU B 105 5.06 -17.34 8.98
CA LEU B 105 5.93 -16.16 8.92
C LEU B 105 5.15 -14.87 9.23
N ASP B 106 5.76 -14.02 10.06
CA ASP B 106 5.27 -12.66 10.27
C ASP B 106 5.33 -11.89 8.95
N SER B 107 4.69 -10.72 8.90
CA SER B 107 4.67 -9.93 7.67
C SER B 107 5.63 -8.75 7.69
N ASP B 108 6.28 -8.52 8.83
CA ASP B 108 7.26 -7.46 8.94
C ASP B 108 8.67 -8.04 8.72
N LEU B 109 8.80 -8.91 7.72
CA LEU B 109 10.09 -9.55 7.48
C LEU B 109 10.42 -9.71 6.01
N ILE B 110 11.65 -10.09 5.74
CA ILE B 110 12.17 -10.26 4.38
C ILE B 110 12.92 -11.58 4.26
N VAL B 111 12.58 -12.38 3.26
CA VAL B 111 13.34 -13.59 2.95
C VAL B 111 14.37 -13.23 1.88
N THR B 112 15.63 -13.56 2.12
CA THR B 112 16.71 -13.16 1.21
C THR B 112 17.33 -14.33 0.46
N GLY B 113 16.83 -15.53 0.70
CA GLY B 113 17.38 -16.69 0.02
C GLY B 113 16.60 -17.99 0.15
N ASP B 114 17.23 -19.07 -0.29
CA ASP B 114 16.66 -20.42 -0.31
C ASP B 114 16.41 -20.92 1.12
N LEU B 115 15.18 -21.34 1.39
CA LEU B 115 14.81 -21.80 2.74
C LEU B 115 14.68 -23.31 2.85
N THR B 116 15.33 -24.04 1.94
CA THR B 116 15.18 -25.50 1.86
C THR B 116 15.52 -26.20 3.18
N ASP B 117 16.64 -25.84 3.78
CA ASP B 117 17.07 -26.45 5.04
C ASP B 117 16.06 -26.19 6.15
N LEU B 118 15.30 -25.10 6.04
CA LEU B 118 14.25 -24.80 7.01
C LEU B 118 13.01 -25.63 6.69
N PHE B 119 12.62 -25.70 5.42
CA PHE B 119 11.47 -26.50 5.00
C PHE B 119 11.66 -27.98 5.34
N GLU B 120 12.88 -28.47 5.23
CA GLU B 120 13.15 -29.90 5.37
C GLU B 120 13.52 -30.30 6.80
N LEU B 121 13.42 -29.38 7.75
CA LEU B 121 13.78 -29.70 9.13
C LEU B 121 12.79 -30.67 9.77
N ASP B 122 13.30 -31.77 10.32
CA ASP B 122 12.46 -32.75 11.01
C ASP B 122 12.22 -32.33 12.46
N LEU B 123 10.97 -32.12 12.81
CA LEU B 123 10.60 -31.63 14.14
C LEU B 123 10.59 -32.75 15.18
N GLY B 124 10.41 -33.98 14.73
CA GLY B 124 10.31 -35.10 15.65
C GLY B 124 9.05 -35.00 16.48
N GLU B 125 9.20 -34.89 17.79
CA GLU B 125 8.04 -34.81 18.68
C GLU B 125 7.76 -33.38 19.12
N ASN B 126 8.62 -32.46 18.71
CA ASN B 126 8.43 -31.05 19.05
C ASN B 126 7.20 -30.44 18.37
N TYR B 127 6.50 -29.58 19.11
CA TYR B 127 5.35 -28.87 18.56
C TYR B 127 5.76 -27.91 17.46
N LEU B 128 7.00 -27.42 17.54
CA LEU B 128 7.49 -26.44 16.57
C LEU B 128 9.01 -26.26 16.68
N ALA B 129 9.56 -25.54 15.71
CA ALA B 129 10.94 -25.06 15.78
C ALA B 129 10.88 -23.54 15.72
N ALA B 130 11.72 -22.88 16.50
CA ALA B 130 11.75 -21.41 16.56
C ALA B 130 13.11 -20.87 16.97
N ALA B 131 13.42 -19.65 16.56
CA ALA B 131 14.67 -19.00 16.95
C ALA B 131 14.51 -18.26 18.28
N ARG B 132 15.61 -18.10 19.01
CA ARG B 132 15.57 -17.38 20.28
C ARG B 132 15.19 -15.92 20.06
N SER B 133 14.60 -15.31 21.09
CA SER B 133 14.26 -13.89 21.05
C SER B 133 15.51 -13.01 21.08
N CYS B 134 15.65 -12.14 20.08
CA CYS B 134 16.72 -11.13 20.04
C CYS B 134 18.12 -11.62 20.44
N PHE B 135 18.59 -12.68 19.77
CA PHE B 135 19.95 -13.17 19.97
C PHE B 135 20.21 -13.69 21.39
N GLY B 136 19.16 -13.82 22.19
CA GLY B 136 19.32 -14.30 23.56
C GLY B 136 19.03 -13.23 24.59
N ALA B 137 18.82 -12.00 24.13
CA ALA B 137 18.52 -10.89 25.03
C ALA B 137 17.18 -11.07 25.71
N GLY B 138 16.23 -11.63 24.96
CA GLY B 138 14.90 -11.86 25.48
C GLY B 138 14.72 -13.23 26.09
N VAL B 139 13.49 -13.57 26.45
CA VAL B 139 13.21 -14.85 27.08
C VAL B 139 12.47 -15.80 26.12
N GLY B 140 12.99 -17.02 25.99
CA GLY B 140 12.39 -18.00 25.10
C GLY B 140 12.55 -17.64 23.64
N PHE B 141 11.58 -18.04 22.82
CA PHE B 141 11.70 -17.85 21.38
C PHE B 141 10.89 -16.69 20.81
N ASN B 142 11.32 -16.19 19.65
CA ASN B 142 10.55 -15.21 18.91
C ASN B 142 9.51 -15.93 18.06
N ALA B 143 8.28 -15.41 18.05
CA ALA B 143 7.17 -16.11 17.41
C ALA B 143 6.97 -15.73 15.93
N GLY B 144 7.85 -14.90 15.39
CA GLY B 144 7.67 -14.42 14.04
C GLY B 144 8.06 -15.42 12.97
N VAL B 145 8.78 -16.48 13.35
CA VAL B 145 9.12 -17.55 12.41
C VAL B 145 8.93 -18.89 13.09
N LEU B 146 7.93 -19.66 12.64
CA LEU B 146 7.58 -20.91 13.29
C LEU B 146 7.42 -22.06 12.29
N LEU B 147 8.23 -23.09 12.44
CA LEU B 147 8.02 -24.31 11.66
C LEU B 147 7.15 -25.22 12.49
N ILE B 148 5.88 -25.34 12.12
CA ILE B 148 4.87 -25.93 12.99
C ILE B 148 4.54 -27.38 12.64
N ASN B 149 4.51 -28.23 13.65
CA ASN B 149 3.98 -29.58 13.53
C ASN B 149 2.46 -29.52 13.51
N ASN B 150 1.90 -29.18 12.35
CA ASN B 150 0.47 -28.92 12.22
C ASN B 150 -0.40 -30.13 12.52
N LYS B 151 0.09 -31.31 12.16
CA LYS B 151 -0.66 -32.54 12.42
C LYS B 151 -0.88 -32.70 13.91
N LYS B 152 0.14 -32.35 14.69
CA LYS B 152 0.07 -32.44 16.14
C LYS B 152 -0.83 -31.35 16.74
N TRP B 153 -0.69 -30.12 16.23
CA TRP B 153 -1.54 -29.01 16.66
C TRP B 153 -3.00 -29.36 16.45
N GLY B 154 -3.29 -30.03 15.35
CA GLY B 154 -4.66 -30.41 15.02
C GLY B 154 -5.20 -31.47 15.97
N SER B 155 -4.43 -32.54 16.16
CA SER B 155 -4.92 -33.68 16.93
C SER B 155 -5.02 -33.39 18.43
N GLU B 156 -4.12 -32.55 18.94
CA GLU B 156 -4.10 -32.23 20.37
C GLU B 156 -4.91 -30.98 20.66
N THR B 157 -5.59 -30.45 19.65
CA THR B 157 -6.42 -29.26 19.79
C THR B 157 -5.66 -28.07 20.41
N ILE B 158 -4.54 -27.70 19.79
CA ILE B 158 -3.68 -26.64 20.31
C ILE B 158 -4.34 -25.27 20.25
N ARG B 159 -5.11 -25.02 19.20
CA ARG B 159 -5.76 -23.71 19.03
C ARG B 159 -6.66 -23.37 20.21
N GLN B 160 -7.46 -24.34 20.64
CA GLN B 160 -8.34 -24.16 21.78
C GLN B 160 -7.52 -23.86 23.03
N LYS B 161 -6.39 -24.54 23.18
CA LYS B 161 -5.52 -24.37 24.34
C LYS B 161 -4.85 -23.01 24.35
N LEU B 162 -4.48 -22.52 23.17
CA LEU B 162 -3.85 -21.21 23.06
C LEU B 162 -4.83 -20.10 23.40
N ILE B 163 -6.07 -20.28 22.96
CA ILE B 163 -7.14 -19.35 23.25
C ILE B 163 -7.42 -19.31 24.76
N ASP B 164 -7.55 -20.48 25.37
CA ASP B 164 -7.82 -20.59 26.80
C ASP B 164 -6.69 -20.00 27.64
N LEU B 165 -5.44 -20.29 27.27
CA LEU B 165 -4.30 -19.75 27.99
C LEU B 165 -4.23 -18.23 27.81
N THR B 166 -4.69 -17.77 26.65
CA THR B 166 -4.73 -16.34 26.35
C THR B 166 -5.83 -15.64 27.15
N GLU B 167 -6.91 -16.34 27.46
CA GLU B 167 -7.99 -15.75 28.26
C GLU B 167 -7.47 -15.33 29.64
N LYS B 168 -6.90 -16.28 30.37
CA LYS B 168 -6.10 -15.95 31.55
C LYS B 168 -4.82 -15.31 31.05
N GLU B 169 -4.01 -14.79 31.96
CA GLU B 169 -2.60 -14.51 31.65
C GLU B 169 -2.26 -13.53 30.51
N HIS B 170 -3.25 -13.06 29.75
CA HIS B 170 -2.93 -12.13 28.65
C HIS B 170 -2.56 -10.73 29.14
N GLU B 171 -2.78 -10.50 30.42
CA GLU B 171 -2.44 -9.22 31.04
C GLU B 171 -1.35 -9.42 32.10
N ASN B 172 -0.90 -10.67 32.23
CA ASN B 172 0.23 -11.00 33.09
C ASN B 172 1.51 -11.05 32.27
N VAL B 173 1.37 -10.87 30.96
CA VAL B 173 2.48 -11.06 30.03
C VAL B 173 2.90 -9.79 29.30
N GLU B 174 4.15 -9.77 28.88
CA GLU B 174 4.76 -8.58 28.29
C GLU B 174 4.72 -8.62 26.76
N GLU B 175 4.74 -9.82 26.19
CA GLU B 175 4.89 -9.97 24.74
C GLU B 175 3.71 -10.67 24.04
N GLY B 176 2.51 -10.51 24.59
CA GLY B 176 1.30 -11.00 23.96
C GLY B 176 1.30 -12.45 23.51
N ASP B 177 0.95 -12.66 22.24
CA ASP B 177 0.85 -14.00 21.66
C ASP B 177 2.15 -14.79 21.80
N GLN B 178 3.27 -14.08 21.68
CA GLN B 178 4.58 -14.71 21.80
C GLN B 178 4.76 -15.32 23.20
N SER B 179 4.41 -14.54 24.22
CA SER B 179 4.51 -15.00 25.61
C SER B 179 3.61 -16.21 25.85
N ILE B 180 2.44 -16.21 25.23
CA ILE B 180 1.51 -17.32 25.38
C ILE B 180 2.06 -18.59 24.74
N LEU B 181 2.55 -18.46 23.50
CA LEU B 181 3.18 -19.58 22.80
C LEU B 181 4.37 -20.14 23.58
N ASN B 182 5.19 -19.25 24.15
CA ASN B 182 6.29 -19.67 25.00
C ASN B 182 5.81 -20.41 26.23
N MSE B 183 4.77 -19.91 26.87
CA MSE B 183 4.19 -20.49 28.05
C MSE B 183 3.61 -21.85 27.78
O MSE B 183 3.74 -22.69 28.60
CB MSE B 183 3.08 -19.64 28.67
CG MSE B 183 3.52 -18.31 29.33
SE MSE B 183 2.04 -17.46 30.32
CE MSE B 183 1.21 -19.05 31.03
N LEU B 184 2.99 -22.09 26.65
CA LEU B 184 2.39 -23.39 26.37
C LEU B 184 3.41 -24.42 25.92
N PHE B 185 4.42 -23.98 25.18
CA PHE B 185 5.36 -24.90 24.56
C PHE B 185 6.74 -24.94 25.21
N LYS B 186 6.87 -24.41 26.42
CA LYS B 186 8.16 -24.46 27.12
C LYS B 186 8.68 -25.90 27.12
N ASP B 187 9.96 -26.07 26.82
CA ASP B 187 10.62 -27.37 26.85
C ASP B 187 10.13 -28.37 25.79
N GLN B 188 9.27 -27.94 24.87
CA GLN B 188 8.78 -28.84 23.83
C GLN B 188 8.87 -28.25 22.43
N TYR B 189 9.94 -27.50 22.18
CA TYR B 189 10.19 -26.94 20.86
C TYR B 189 11.65 -27.10 20.47
N SER B 190 11.95 -27.20 19.17
CA SER B 190 13.33 -27.23 18.74
C SER B 190 13.82 -25.85 18.34
N SER B 191 15.12 -25.70 18.19
CA SER B 191 15.70 -24.38 17.94
C SER B 191 16.07 -24.15 16.48
N LEU B 192 15.84 -22.93 16.00
CA LEU B 192 16.35 -22.50 14.71
C LEU B 192 17.53 -21.58 14.96
N GLU B 193 18.48 -21.58 14.03
CA GLU B 193 19.59 -20.64 14.12
C GLU B 193 19.09 -19.21 13.97
N ASP B 194 19.86 -18.26 14.52
CA ASP B 194 19.48 -16.84 14.46
C ASP B 194 19.16 -16.37 13.04
N GLN B 195 19.83 -16.95 12.05
CA GLN B 195 19.71 -16.45 10.68
C GLN B 195 18.36 -16.76 10.02
N TYR B 196 17.58 -17.63 10.64
CA TYR B 196 16.25 -17.96 10.13
C TYR B 196 15.20 -17.07 10.76
N ASN B 197 15.67 -16.18 11.62
CA ASN B 197 14.84 -15.15 12.22
C ASN B 197 15.75 -14.09 12.81
N PHE B 198 16.51 -13.42 11.94
CA PHE B 198 17.50 -12.43 12.36
C PHE B 198 16.80 -11.12 12.68
N GLN B 199 16.64 -10.84 13.96
CA GLN B 199 15.78 -9.76 14.39
C GLN B 199 16.51 -8.41 14.36
N ILE B 200 16.77 -7.92 13.14
CA ILE B 200 17.47 -6.66 12.92
C ILE B 200 16.67 -5.47 13.47
N GLY B 201 15.37 -5.69 13.69
CA GLY B 201 14.52 -4.64 14.23
C GLY B 201 14.78 -4.41 15.70
N TYR B 202 15.61 -5.26 16.30
CA TYR B 202 16.00 -5.10 17.69
C TYR B 202 17.04 -3.99 17.86
N ASP B 203 17.54 -3.46 16.74
CA ASP B 203 18.59 -2.42 16.77
C ASP B 203 18.32 -1.30 17.78
N TYR B 204 17.11 -0.73 17.75
CA TYR B 204 16.76 0.35 18.67
C TYR B 204 16.76 -0.13 20.11
N GLY B 205 16.16 -1.29 20.35
CA GLY B 205 16.18 -1.89 21.67
C GLY B 205 17.58 -2.14 22.20
N ALA B 206 18.43 -2.71 21.35
CA ALA B 206 19.82 -3.00 21.74
C ALA B 206 20.54 -1.71 22.10
N ALA B 207 20.38 -0.70 21.26
CA ALA B 207 20.98 0.60 21.50
C ALA B 207 20.44 1.24 22.78
N THR B 208 19.17 0.95 23.09
CA THR B 208 18.50 1.49 24.27
C THR B 208 19.01 0.84 25.54
N PHE B 209 19.08 -0.49 25.55
CA PHE B 209 19.52 -1.20 26.74
C PHE B 209 21.04 -1.39 26.77
N LYS B 210 21.72 -0.82 25.78
CA LYS B 210 23.19 -0.82 25.69
C LYS B 210 23.81 -2.20 25.47
N HIS B 211 23.21 -2.98 24.58
CA HIS B 211 23.79 -4.27 24.21
C HIS B 211 24.76 -4.05 23.06
N GLN B 212 25.98 -3.67 23.41
CA GLN B 212 26.98 -3.20 22.44
C GLN B 212 27.39 -4.25 21.39
N PHE B 213 27.41 -5.51 21.79
CA PHE B 213 27.93 -6.56 20.91
C PHE B 213 26.95 -7.01 19.82
N ILE B 214 25.68 -6.68 19.97
CA ILE B 214 24.70 -6.86 18.90
C ILE B 214 25.20 -6.28 17.57
N PHE B 215 25.86 -5.12 17.65
CA PHE B 215 26.26 -4.40 16.45
C PHE B 215 27.55 -4.92 15.83
N ASP B 216 28.12 -5.96 16.43
CA ASP B 216 29.31 -6.62 15.88
C ASP B 216 28.95 -7.86 15.05
N ILE B 217 27.70 -8.29 15.17
CA ILE B 217 27.22 -9.44 14.39
C ILE B 217 27.23 -9.10 12.90
N PRO B 218 27.91 -9.92 12.09
CA PRO B 218 27.98 -9.66 10.65
C PRO B 218 26.60 -9.67 9.99
N LEU B 219 26.40 -8.71 9.09
CA LEU B 219 25.16 -8.61 8.31
C LEU B 219 25.44 -9.02 6.88
N GLU B 220 26.68 -9.43 6.63
CA GLU B 220 27.10 -9.87 5.30
C GLU B 220 27.88 -11.18 5.45
N PRO B 221 27.35 -12.29 4.91
CA PRO B 221 26.18 -12.36 4.02
C PRO B 221 24.88 -12.10 4.77
N LEU B 222 23.88 -11.58 4.06
CA LEU B 222 22.58 -11.33 4.65
C LEU B 222 22.01 -12.61 5.23
N PRO B 223 21.40 -12.50 6.41
CA PRO B 223 20.71 -13.64 7.01
C PRO B 223 19.52 -14.01 6.14
N LEU B 224 19.17 -15.30 6.11
CA LEU B 224 18.10 -15.79 5.23
C LEU B 224 16.77 -15.12 5.51
N ILE B 225 16.50 -14.82 6.78
CA ILE B 225 15.27 -14.14 7.14
C ILE B 225 15.54 -12.94 8.04
N LEU B 226 15.21 -11.75 7.54
CA LEU B 226 15.36 -10.51 8.26
C LEU B 226 14.04 -10.15 8.90
N HIS B 227 14.02 -9.98 10.22
CA HIS B 227 12.77 -9.71 10.92
C HIS B 227 12.79 -8.33 11.56
N TYR B 228 11.97 -7.42 11.02
CA TYR B 228 11.92 -6.06 11.54
C TYR B 228 10.94 -5.92 12.69
N ILE B 229 11.28 -6.53 13.83
CA ILE B 229 10.49 -6.42 15.03
C ILE B 229 10.49 -4.99 15.56
N SER B 230 9.58 -4.72 16.48
CA SER B 230 9.46 -3.42 17.20
C SER B 230 8.71 -2.38 16.39
N GLN B 231 8.50 -1.22 16.98
CA GLN B 231 7.76 -0.15 16.29
C GLN B 231 8.66 0.65 15.35
N ASP B 232 9.94 0.28 15.28
CA ASP B 232 10.90 0.96 14.41
C ASP B 232 10.94 0.29 13.05
N LYS B 233 9.86 0.43 12.28
CA LYS B 233 9.74 -0.26 11.00
C LYS B 233 10.42 0.49 9.87
N PRO B 234 11.09 -0.24 8.95
CA PRO B 234 11.83 0.38 7.85
C PRO B 234 10.91 1.04 6.82
N TRP B 235 9.63 0.68 6.81
CA TRP B 235 8.69 1.32 5.89
C TRP B 235 8.12 2.66 6.40
N ASN B 236 8.45 3.02 7.63
CA ASN B 236 8.02 4.32 8.15
C ASN B 236 8.80 5.44 7.46
N GLN B 237 8.29 6.67 7.55
CA GLN B 237 8.99 7.81 6.98
C GLN B 237 10.40 7.90 7.56
N PHE B 238 10.50 7.74 8.87
CA PHE B 238 11.80 7.69 9.52
C PHE B 238 11.95 6.40 10.30
N SER B 239 13.19 5.93 10.39
CA SER B 239 13.53 4.80 11.27
C SER B 239 15.01 4.93 11.61
N VAL B 240 15.50 4.13 12.56
CA VAL B 240 16.90 4.24 12.95
C VAL B 240 17.65 2.90 12.89
N GLY B 241 16.91 1.81 12.74
CA GLY B 241 17.53 0.50 12.63
C GLY B 241 18.20 0.27 11.30
N ARG B 242 19.14 -0.68 11.25
CA ARG B 242 19.89 -0.95 10.02
C ARG B 242 19.12 -1.79 9.01
N LEU B 243 19.64 -1.84 7.77
CA LEU B 243 19.08 -2.65 6.68
C LEU B 243 17.72 -2.17 6.20
N ARG B 244 17.42 -0.90 6.43
CA ARG B 244 16.18 -0.29 5.97
C ARG B 244 16.04 -0.46 4.46
N GLU B 245 17.15 -0.33 3.74
CA GLU B 245 17.13 -0.37 2.28
C GLU B 245 16.71 -1.72 1.69
N VAL B 246 16.92 -2.80 2.42
CA VAL B 246 16.57 -4.13 1.91
C VAL B 246 15.06 -4.30 1.83
N TRP B 247 14.34 -3.72 2.79
CA TRP B 247 12.88 -3.81 2.75
C TRP B 247 12.34 -3.10 1.53
N TRP B 248 12.88 -1.92 1.24
CA TRP B 248 12.40 -1.13 0.12
C TRP B 248 12.74 -1.76 -1.20
N GLU B 249 13.86 -2.46 -1.26
CA GLU B 249 14.24 -3.18 -2.45
C GLU B 249 13.14 -4.16 -2.87
N TYR B 250 12.57 -4.86 -1.90
CA TYR B 250 11.54 -5.86 -2.18
C TYR B 250 10.15 -5.25 -2.34
N SER B 251 9.86 -4.20 -1.57
CA SER B 251 8.56 -3.54 -1.68
C SER B 251 8.38 -2.94 -3.07
N LEU B 252 9.46 -2.44 -3.64
CA LEU B 252 9.40 -1.76 -4.94
C LEU B 252 9.70 -2.70 -6.11
N MSE B 253 10.00 -3.96 -5.81
CA MSE B 253 10.24 -4.97 -6.83
C MSE B 253 8.93 -5.36 -7.52
O MSE B 253 7.94 -5.69 -6.85
CB MSE B 253 10.89 -6.19 -6.17
CG MSE B 253 11.31 -7.28 -7.14
SE MSE B 253 12.27 -8.71 -6.22
CE MSE B 253 13.74 -7.64 -5.48
N ASP B 254 8.91 -5.34 -8.86
CA ASP B 254 7.73 -5.76 -9.62
C ASP B 254 7.61 -7.29 -9.65
N TRP B 255 6.38 -7.80 -9.67
CA TRP B 255 6.16 -9.25 -9.72
C TRP B 255 6.73 -9.85 -11.01
N SER B 256 6.76 -9.06 -12.09
CA SER B 256 7.33 -9.51 -13.36
C SER B 256 8.80 -9.93 -13.23
N VAL B 257 9.54 -9.21 -12.39
CA VAL B 257 10.93 -9.52 -12.11
C VAL B 257 11.05 -10.88 -11.41
N ILE B 258 10.20 -11.10 -10.41
CA ILE B 258 10.19 -12.35 -9.66
C ILE B 258 9.81 -13.54 -10.56
N LEU B 259 8.82 -13.33 -11.42
CA LEU B 259 8.39 -14.38 -12.35
C LEU B 259 9.46 -14.69 -13.39
N ASN B 260 10.10 -13.65 -13.92
CA ASN B 260 11.18 -13.81 -14.89
C ASN B 260 12.38 -14.59 -14.35
N GLU B 261 12.71 -14.35 -13.09
CA GLU B 261 13.79 -15.09 -12.42
C GLU B 261 13.52 -16.59 -12.52
N TRP B 262 12.28 -16.98 -12.24
CA TRP B 262 11.92 -18.39 -12.24
C TRP B 262 11.73 -18.94 -13.65
N PHE B 263 11.13 -18.14 -14.53
CA PHE B 263 10.96 -18.51 -15.93
C PHE B 263 12.32 -18.79 -16.57
N SER B 264 13.31 -17.99 -16.20
CA SER B 264 14.67 -18.14 -16.70
C SER B 264 15.33 -19.43 -16.21
N LYS B 265 14.79 -19.98 -15.13
CA LYS B 265 15.40 -21.15 -14.49
C LYS B 265 14.56 -22.40 -14.65
N SER B 266 13.86 -22.49 -15.79
CA SER B 266 13.11 -23.68 -16.17
C SER B 266 11.93 -23.98 -15.25
N VAL B 267 11.50 -22.97 -14.50
CA VAL B 267 10.30 -23.08 -13.67
C VAL B 267 9.19 -22.17 -14.19
N LYS B 268 8.23 -22.77 -14.91
CA LYS B 268 7.14 -22.00 -15.51
C LYS B 268 5.94 -22.91 -15.72
N TYR B 269 4.82 -22.54 -15.10
CA TYR B 269 3.58 -23.30 -15.23
C TYR B 269 2.47 -22.36 -15.73
N PRO B 270 1.48 -22.91 -16.44
CA PRO B 270 0.38 -22.05 -16.89
C PRO B 270 -0.57 -21.68 -15.75
N SER B 271 -1.13 -20.48 -15.82
CA SER B 271 -2.13 -20.04 -14.85
C SER B 271 -3.37 -20.94 -14.96
N LYS B 272 -3.92 -21.34 -13.82
CA LYS B 272 -5.12 -22.18 -13.80
C LYS B 272 -6.38 -21.33 -13.85
N SER B 273 -6.24 -20.07 -14.26
CA SER B 273 -7.35 -19.13 -14.24
C SER B 273 -8.35 -19.41 -15.36
N GLN B 274 -9.60 -19.04 -15.12
CA GLN B 274 -10.62 -19.15 -16.15
C GLN B 274 -11.44 -17.87 -16.24
N ILE B 275 -12.20 -17.79 -17.31
CA ILE B 275 -13.12 -16.69 -17.52
C ILE B 275 -14.51 -17.20 -17.15
N PHE B 276 -15.37 -16.34 -16.66
CA PHE B 276 -16.72 -16.76 -16.27
C PHE B 276 -17.60 -16.98 -17.51
N LYS B 277 -18.32 -18.11 -17.53
CA LYS B 277 -19.20 -18.44 -18.64
C LYS B 277 -20.65 -18.14 -18.31
N LEU B 278 -20.88 -17.67 -17.08
CA LEU B 278 -22.23 -17.33 -16.66
C LEU B 278 -22.23 -16.38 -15.48
N GLN B 279 -23.23 -15.51 -15.44
CA GLN B 279 -23.41 -14.56 -14.34
C GLN B 279 -24.76 -14.84 -13.71
N CYS B 280 -24.79 -15.11 -12.42
CA CYS B 280 -26.04 -15.36 -11.70
C CYS B 280 -26.20 -14.34 -10.58
N VAL B 281 -27.45 -14.07 -10.21
CA VAL B 281 -27.70 -13.01 -9.22
C VAL B 281 -28.83 -13.41 -8.26
N ASN B 282 -28.72 -12.97 -7.01
CA ASN B 282 -29.78 -13.14 -6.04
C ASN B 282 -29.88 -11.95 -5.08
N LEU B 283 -31.11 -11.53 -4.78
CA LEU B 283 -31.35 -10.49 -3.79
C LEU B 283 -31.85 -11.14 -2.51
N THR B 284 -31.29 -10.76 -1.37
CA THR B 284 -31.64 -11.43 -0.11
C THR B 284 -31.93 -10.50 1.05
N ASN B 285 -32.81 -10.95 1.94
CA ASN B 285 -33.17 -10.25 3.16
C ASN B 285 -32.88 -11.16 4.34
N SER B 286 -32.17 -12.26 4.06
CA SER B 286 -31.88 -13.28 5.06
C SER B 286 -30.42 -13.73 5.01
N TRP B 287 -29.94 -14.29 6.12
CA TRP B 287 -28.59 -14.84 6.17
C TRP B 287 -28.52 -16.12 5.35
N CYS B 288 -29.66 -16.75 5.15
CA CYS B 288 -29.69 -18.06 4.52
C CYS B 288 -30.03 -18.03 3.04
N VAL B 289 -29.00 -18.22 2.22
CA VAL B 289 -29.15 -18.37 0.78
C VAL B 289 -28.84 -19.82 0.45
N GLU B 290 -29.88 -20.59 0.12
CA GLU B 290 -29.79 -22.05 -0.02
C GLU B 290 -28.64 -22.56 -0.87
N LYS B 291 -27.74 -23.32 -0.25
CA LYS B 291 -26.68 -24.04 -0.94
C LYS B 291 -25.66 -23.15 -1.67
N ILE B 292 -25.63 -21.86 -1.37
CA ILE B 292 -24.73 -20.95 -2.08
C ILE B 292 -23.25 -21.34 -1.93
N ASP B 293 -22.86 -21.80 -0.74
CA ASP B 293 -21.50 -22.29 -0.52
C ASP B 293 -21.19 -23.46 -1.45
N TYR B 294 -22.09 -24.45 -1.50
CA TYR B 294 -21.93 -25.63 -2.35
C TYR B 294 -21.86 -25.24 -3.83
N LEU B 295 -22.79 -24.41 -4.28
CA LEU B 295 -22.83 -23.98 -5.68
C LEU B 295 -21.54 -23.26 -6.09
N ALA B 296 -21.08 -22.34 -5.25
CA ALA B 296 -19.87 -21.57 -5.57
C ALA B 296 -18.68 -22.49 -5.78
N GLU B 297 -18.55 -23.47 -4.89
CA GLU B 297 -17.46 -24.43 -4.92
C GLU B 297 -17.54 -25.32 -6.17
N GLN B 298 -18.75 -25.68 -6.56
CA GLN B 298 -18.99 -26.59 -7.67
C GLN B 298 -18.89 -25.93 -9.04
N LEU B 299 -19.13 -24.61 -9.09
CA LEU B 299 -19.20 -23.89 -10.35
C LEU B 299 -18.23 -22.71 -10.39
N PRO B 300 -16.92 -22.98 -10.47
CA PRO B 300 -15.92 -21.91 -10.49
C PRO B 300 -16.03 -21.04 -11.75
N GLU B 301 -16.64 -21.59 -12.80
CA GLU B 301 -16.79 -20.88 -14.07
C GLU B 301 -18.05 -20.00 -14.07
N VAL B 302 -18.75 -19.96 -12.95
CA VAL B 302 -19.90 -19.09 -12.79
C VAL B 302 -19.58 -18.00 -11.75
N HIS B 303 -19.92 -16.75 -12.08
CA HIS B 303 -19.77 -15.64 -11.16
C HIS B 303 -21.09 -15.33 -10.45
N PHE B 304 -21.12 -15.56 -9.13
CA PHE B 304 -22.33 -15.36 -8.32
C PHE B 304 -22.39 -13.97 -7.70
N HIS B 305 -23.54 -13.31 -7.81
CA HIS B 305 -23.74 -11.97 -7.23
C HIS B 305 -24.83 -11.98 -6.17
N ILE B 306 -24.45 -11.77 -4.91
CA ILE B 306 -25.41 -11.81 -3.81
C ILE B 306 -25.61 -10.42 -3.24
N VAL B 307 -26.82 -9.87 -3.43
CA VAL B 307 -27.11 -8.48 -3.07
C VAL B 307 -28.00 -8.39 -1.83
N ALA B 308 -27.76 -7.37 -1.00
CA ALA B 308 -28.65 -7.05 0.12
C ALA B 308 -28.78 -5.55 0.22
N TYR B 309 -29.83 -5.09 0.89
CA TYR B 309 -30.06 -3.65 1.05
C TYR B 309 -29.60 -3.21 2.42
N THR B 310 -29.12 -4.17 3.21
CA THR B 310 -28.66 -3.90 4.57
C THR B 310 -27.30 -4.54 4.81
N ASN B 311 -26.83 -4.46 6.06
CA ASN B 311 -25.65 -5.21 6.47
C ASN B 311 -25.89 -6.70 6.28
N MSE B 312 -24.82 -7.47 6.21
CA MSE B 312 -24.95 -8.90 5.92
C MSE B 312 -24.39 -9.76 7.04
O MSE B 312 -23.39 -9.43 7.68
CB MSE B 312 -24.24 -9.24 4.61
CG MSE B 312 -25.07 -9.02 3.36
SE MSE B 312 -23.95 -9.34 1.80
CE MSE B 312 -25.29 -9.48 0.43
N ALA B 313 -25.05 -10.90 7.28
CA ALA B 313 -24.58 -11.85 8.28
C ALA B 313 -23.23 -12.45 7.87
N ASN B 314 -22.50 -12.98 8.84
CA ASN B 314 -21.18 -13.55 8.59
C ASN B 314 -21.20 -14.71 7.60
N GLU B 315 -22.31 -15.46 7.58
CA GLU B 315 -22.46 -16.58 6.67
C GLU B 315 -22.30 -16.15 5.21
N LEU B 316 -22.73 -14.92 4.93
CA LEU B 316 -22.68 -14.38 3.57
C LEU B 316 -21.36 -13.66 3.31
N LEU B 317 -20.85 -12.97 4.33
CA LEU B 317 -19.60 -12.24 4.19
C LEU B 317 -18.44 -13.22 4.03
N ALA B 318 -18.60 -14.41 4.58
CA ALA B 318 -17.58 -15.44 4.48
C ALA B 318 -17.49 -16.01 3.07
N LEU B 319 -18.43 -15.65 2.21
CA LEU B 319 -18.39 -16.11 0.83
C LEU B 319 -17.25 -15.42 0.07
N THR B 320 -16.68 -14.38 0.67
CA THR B 320 -15.51 -13.70 0.09
C THR B 320 -14.30 -14.64 -0.04
N ARG B 321 -14.38 -15.80 0.61
CA ARG B 321 -13.33 -16.80 0.49
C ARG B 321 -13.33 -17.46 -0.89
N PHE B 322 -14.44 -17.32 -1.61
CA PHE B 322 -14.55 -17.85 -2.96
C PHE B 322 -14.15 -16.79 -3.98
N PRO B 323 -13.42 -17.20 -5.02
CA PRO B 323 -12.97 -16.26 -6.06
C PRO B 323 -14.10 -15.92 -7.03
N ASN B 324 -15.24 -16.62 -6.93
CA ASN B 324 -16.31 -16.42 -7.90
C ASN B 324 -17.63 -15.91 -7.29
N VAL B 325 -17.56 -15.37 -6.08
CA VAL B 325 -18.75 -14.77 -5.47
C VAL B 325 -18.47 -13.33 -5.13
N THR B 326 -19.33 -12.43 -5.60
CA THR B 326 -19.27 -11.04 -5.16
C THR B 326 -20.48 -10.74 -4.30
N VAL B 327 -20.21 -10.18 -3.13
CA VAL B 327 -21.22 -9.88 -2.12
C VAL B 327 -21.42 -8.36 -2.04
N TYR B 328 -22.68 -7.92 -2.00
CA TYR B 328 -22.99 -6.49 -2.04
C TYR B 328 -23.86 -6.05 -0.88
N PRO B 329 -23.27 -5.88 0.32
CA PRO B 329 -24.09 -5.40 1.43
C PRO B 329 -24.47 -3.94 1.22
N ASN B 330 -25.57 -3.50 1.83
CA ASN B 330 -26.00 -2.11 1.74
C ASN B 330 -26.09 -1.56 0.32
N SER B 331 -26.64 -2.36 -0.58
CA SER B 331 -26.86 -1.94 -1.96
C SER B 331 -28.22 -1.26 -2.06
N LEU B 332 -28.61 -0.90 -3.27
CA LEU B 332 -29.87 -0.20 -3.50
C LEU B 332 -30.55 -0.76 -4.75
N PRO B 333 -31.89 -0.59 -4.84
CA PRO B 333 -32.64 -1.14 -5.98
C PRO B 333 -32.05 -0.84 -7.36
N MSE B 334 -31.74 0.44 -7.64
CA MSE B 334 -31.14 0.81 -8.90
C MSE B 334 -29.84 0.16 -9.20
O MSE B 334 -29.55 -0.13 -10.33
CB MSE B 334 -30.99 2.34 -8.98
CG MSE B 334 -32.35 2.84 -9.31
SE MSE B 334 -32.21 4.77 -9.81
CE MSE B 334 -34.13 5.24 -9.71
N LEU B 335 -29.04 -0.09 -8.17
CA LEU B 335 -27.75 -0.75 -8.33
C LEU B 335 -27.98 -2.22 -8.69
N LEU B 336 -28.87 -2.87 -7.94
CA LEU B 336 -29.28 -4.23 -8.23
C LEU B 336 -29.79 -4.37 -9.66
N GLU B 337 -30.52 -3.36 -10.13
CA GLU B 337 -31.07 -3.39 -11.48
C GLU B 337 -29.98 -3.56 -12.53
N GLN B 338 -28.89 -2.80 -12.41
CA GLN B 338 -27.80 -2.89 -13.36
C GLN B 338 -27.12 -4.26 -13.33
N ILE B 339 -27.00 -4.84 -12.14
CA ILE B 339 -26.47 -6.19 -12.02
C ILE B 339 -27.42 -7.20 -12.69
N VAL B 340 -28.72 -7.07 -12.43
CA VAL B 340 -29.71 -7.96 -13.02
C VAL B 340 -29.70 -7.87 -14.55
N ILE B 341 -29.57 -6.65 -15.07
CA ILE B 341 -29.45 -6.43 -16.51
C ILE B 341 -28.23 -7.17 -17.06
N ALA B 342 -27.14 -7.14 -16.29
CA ALA B 342 -25.90 -7.77 -16.72
C ALA B 342 -25.88 -9.28 -16.45
N SER B 343 -26.86 -9.77 -15.72
CA SER B 343 -26.90 -11.18 -15.35
C SER B 343 -27.50 -12.06 -16.44
N ASP B 344 -27.20 -13.36 -16.39
CA ASP B 344 -27.74 -14.32 -17.35
C ASP B 344 -28.92 -15.06 -16.74
N LEU B 345 -28.93 -15.16 -15.41
CA LEU B 345 -29.86 -16.05 -14.73
C LEU B 345 -30.09 -15.61 -13.28
N TYR B 346 -31.34 -15.51 -12.86
CA TYR B 346 -31.64 -15.19 -11.46
C TYR B 346 -31.81 -16.47 -10.63
N LEU B 347 -31.10 -16.55 -9.50
CA LEU B 347 -31.23 -17.69 -8.59
C LEU B 347 -32.05 -17.30 -7.35
N ASP B 348 -33.31 -17.74 -7.30
CA ASP B 348 -34.20 -17.40 -6.19
C ASP B 348 -33.96 -18.37 -5.03
N LEU B 349 -32.86 -18.15 -4.31
CA LEU B 349 -32.35 -19.11 -3.34
C LEU B 349 -32.50 -18.64 -1.89
N ASN B 350 -32.95 -17.41 -1.71
CA ASN B 350 -33.01 -16.83 -0.36
C ASN B 350 -34.23 -17.28 0.45
N HIS B 351 -33.98 -17.63 1.72
CA HIS B 351 -35.05 -18.02 2.62
C HIS B 351 -35.82 -16.81 3.14
N ASP B 352 -36.96 -17.08 3.78
CA ASP B 352 -37.79 -16.07 4.41
C ASP B 352 -38.36 -15.03 3.44
N ARG B 353 -38.45 -13.78 3.88
CA ARG B 353 -39.15 -12.76 3.09
C ARG B 353 -38.48 -12.46 1.76
N LYS B 354 -39.25 -12.63 0.68
CA LYS B 354 -38.81 -12.27 -0.66
C LYS B 354 -39.03 -10.79 -0.89
N LEU B 355 -38.07 -10.13 -1.54
CA LEU B 355 -38.18 -8.71 -1.86
C LEU B 355 -38.63 -8.53 -3.31
N GLU B 356 -39.74 -7.81 -3.50
CA GLU B 356 -40.39 -7.73 -4.81
C GLU B 356 -39.61 -6.98 -5.90
N ASP B 357 -38.61 -6.19 -5.48
CA ASP B 357 -37.76 -5.49 -6.45
C ASP B 357 -37.14 -6.49 -7.42
N ALA B 358 -36.72 -7.62 -6.87
CA ALA B 358 -36.10 -8.69 -7.66
C ALA B 358 -37.06 -9.26 -8.71
N TYR B 359 -38.27 -9.60 -8.28
CA TYR B 359 -39.28 -10.10 -9.22
C TYR B 359 -39.64 -9.04 -10.26
N GLU B 360 -39.65 -7.78 -9.84
CA GLU B 360 -39.93 -6.65 -10.74
C GLU B 360 -38.93 -6.63 -11.91
N PHE B 361 -37.64 -6.65 -11.57
CA PHE B 361 -36.57 -6.55 -12.56
C PHE B 361 -36.48 -7.80 -13.42
N VAL B 362 -36.63 -8.95 -12.78
CA VAL B 362 -36.66 -10.23 -13.49
C VAL B 362 -37.73 -10.21 -14.59
N LEU B 363 -38.91 -9.70 -14.24
CA LEU B 363 -40.00 -9.53 -15.20
C LEU B 363 -39.61 -8.54 -16.30
N LYS B 364 -39.17 -7.36 -15.87
CA LYS B 364 -38.85 -6.25 -16.77
C LYS B 364 -37.82 -6.62 -17.84
N TYR B 365 -36.76 -7.30 -17.42
CA TYR B 365 -35.64 -7.59 -18.34
C TYR B 365 -35.67 -9.03 -18.86
N LYS B 366 -36.86 -9.62 -18.86
CA LYS B 366 -37.10 -11.01 -19.30
C LYS B 366 -36.03 -12.01 -18.85
N LYS B 367 -35.73 -11.99 -17.55
CA LYS B 367 -34.71 -12.86 -17.00
C LYS B 367 -35.26 -14.20 -16.52
N PRO B 368 -34.64 -15.30 -16.96
CA PRO B 368 -34.98 -16.62 -16.43
C PRO B 368 -34.71 -16.69 -14.93
N MSE B 369 -35.47 -17.54 -14.24
CA MSE B 369 -35.36 -17.63 -12.78
C MSE B 369 -35.62 -19.05 -12.33
O MSE B 369 -36.66 -19.64 -12.64
CB MSE B 369 -36.35 -16.66 -12.12
CG MSE B 369 -36.43 -16.77 -10.61
SE MSE B 369 -37.37 -15.27 -9.79
CE MSE B 369 -39.09 -15.48 -10.68
N ILE B 370 -34.66 -19.64 -11.62
CA ILE B 370 -34.84 -20.99 -11.08
C ILE B 370 -34.74 -20.96 -9.58
N ALA B 371 -35.22 -22.01 -8.93
CA ALA B 371 -35.27 -22.07 -7.47
C ALA B 371 -35.07 -23.49 -6.96
N PHE B 372 -34.94 -23.63 -5.65
CA PHE B 372 -34.98 -24.95 -5.03
C PHE B 372 -36.42 -25.23 -4.59
N ASP B 373 -36.72 -26.49 -4.29
CA ASP B 373 -38.06 -26.89 -3.86
C ASP B 373 -38.47 -26.19 -2.56
N ASN B 374 -37.49 -25.67 -1.83
CA ASN B 374 -37.77 -25.04 -0.54
C ASN B 374 -37.50 -23.53 -0.51
N THR B 375 -37.26 -22.94 -1.68
CA THR B 375 -37.02 -21.49 -1.74
C THR B 375 -37.94 -20.79 -2.75
N CYS B 376 -38.96 -21.50 -3.21
CA CYS B 376 -39.96 -20.89 -4.07
C CYS B 376 -40.75 -19.86 -3.26
N SER B 377 -41.19 -18.80 -3.93
CA SER B 377 -41.99 -17.78 -3.27
C SER B 377 -43.37 -18.33 -2.92
N GLU B 378 -43.88 -17.93 -1.76
CA GLU B 378 -45.25 -18.27 -1.39
C GLU B 378 -46.21 -17.20 -1.88
N ASN B 379 -46.02 -16.77 -3.13
CA ASN B 379 -46.87 -15.76 -3.77
C ASN B 379 -46.81 -15.79 -5.30
N LEU B 380 -46.49 -16.96 -5.86
CA LEU B 380 -46.48 -17.15 -7.31
C LEU B 380 -46.91 -18.56 -7.70
N TYR B 385 -40.92 -19.73 -12.66
CA TYR B 385 -39.66 -20.48 -12.63
C TYR B 385 -39.47 -21.35 -13.86
N GLU B 386 -38.25 -21.41 -14.37
CA GLU B 386 -37.92 -22.30 -15.47
C GLU B 386 -37.64 -23.69 -14.95
N GLY B 387 -37.41 -23.78 -13.64
CA GLY B 387 -37.10 -25.04 -13.02
C GLY B 387 -37.05 -24.90 -11.51
N ILE B 388 -37.50 -25.94 -10.82
CA ILE B 388 -37.46 -25.99 -9.37
C ILE B 388 -36.74 -27.29 -9.00
N TYR B 389 -35.65 -27.17 -8.26
CA TYR B 389 -34.74 -28.30 -8.09
C TYR B 389 -34.69 -28.80 -6.64
N PRO B 390 -34.34 -30.09 -6.46
CA PRO B 390 -34.28 -30.68 -5.12
C PRO B 390 -33.19 -30.06 -4.25
N SER B 391 -33.60 -29.45 -3.14
CA SER B 391 -32.65 -28.84 -2.21
C SER B 391 -31.73 -29.88 -1.57
N SER B 392 -32.11 -31.16 -1.67
CA SER B 392 -31.30 -32.22 -1.07
C SER B 392 -30.34 -32.90 -2.05
N ILE B 393 -30.56 -32.67 -3.35
CA ILE B 393 -29.61 -33.09 -4.38
C ILE B 393 -29.27 -31.87 -5.23
N PRO B 394 -28.52 -30.91 -4.66
CA PRO B 394 -28.26 -29.64 -5.34
C PRO B 394 -27.40 -29.82 -6.59
N LYS B 395 -26.82 -31.01 -6.76
CA LYS B 395 -26.09 -31.38 -7.98
C LYS B 395 -26.97 -31.17 -9.22
N LYS B 396 -28.27 -31.38 -9.06
CA LYS B 396 -29.23 -31.18 -10.14
C LYS B 396 -29.26 -29.71 -10.57
N MSE B 397 -29.15 -28.82 -9.59
CA MSE B 397 -29.10 -27.39 -9.85
C MSE B 397 -27.81 -27.03 -10.57
O MSE B 397 -27.79 -26.19 -11.48
CB MSE B 397 -29.23 -26.61 -8.54
CG MSE B 397 -28.65 -25.20 -8.60
SE MSE B 397 -29.84 -23.80 -8.00
CE MSE B 397 -31.37 -24.30 -9.03
N VAL B 398 -26.72 -27.69 -10.15
CA VAL B 398 -25.42 -27.52 -10.80
C VAL B 398 -25.53 -27.88 -12.28
N ALA B 399 -26.18 -29.01 -12.57
CA ALA B 399 -26.43 -29.42 -13.95
C ALA B 399 -27.30 -28.41 -14.69
N ALA B 400 -28.29 -27.87 -13.99
CA ALA B 400 -29.22 -26.92 -14.58
C ALA B 400 -28.58 -25.58 -14.89
N ILE B 401 -27.74 -25.11 -13.97
CA ILE B 401 -27.05 -23.83 -14.16
C ILE B 401 -26.11 -23.91 -15.38
N ARG B 402 -25.42 -25.03 -15.51
CA ARG B 402 -24.59 -25.29 -16.69
C ARG B 402 -25.40 -25.44 -17.98
N SER B 403 -26.71 -25.62 -17.87
CA SER B 403 -27.55 -25.75 -19.06
C SER B 403 -27.86 -24.40 -19.72
N TYR B 404 -27.70 -23.31 -18.98
CA TYR B 404 -27.91 -21.96 -19.51
C TYR B 404 -26.64 -21.43 -20.18
N MSE B 405 -25.53 -22.10 -20.03
CA MSE B 405 -24.35 -21.60 -20.62
C MSE B 405 -24.23 -21.83 -22.04
O MSE B 405 -25.15 -22.36 -22.66
CB MSE B 405 -23.12 -22.30 -20.08
CG MSE B 405 -22.89 -22.16 -18.58
SE MSE B 405 -21.32 -23.19 -17.97
CE MSE B 405 -21.34 -22.70 -16.10
N ARG B 406 -23.09 -21.45 -22.60
CA ARG B 406 -22.76 -21.71 -23.99
C ARG B 406 -21.25 -21.91 -24.08
MN MN C . -11.87 12.35 -5.13
N1 UDP D . -6.83 12.23 0.69
C2 UDP D . -5.72 11.67 1.26
N3 UDP D . -5.82 10.75 2.29
C4 UDP D . -7.08 10.40 2.76
C5 UDP D . -8.21 10.97 2.18
C6 UDP D . -8.07 11.98 1.22
O2 UDP D . -4.60 11.98 0.84
O4 UDP D . -7.18 9.58 3.68
C1' UDP D . -6.68 13.21 -0.41
C2' UDP D . -6.69 12.47 -1.74
O2' UDP D . -5.84 13.10 -2.67
C3' UDP D . -8.13 12.63 -2.21
C4' UDP D . -8.49 14.00 -1.64
O4' UDP D . -7.75 14.13 -0.43
O3' UDP D . -8.21 12.59 -3.62
C5' UDP D . -9.99 14.14 -1.39
O5' UDP D . -10.50 12.91 -0.95
PA UDP D . -11.68 12.21 -1.78
O1A UDP D . -11.15 12.00 -3.15
O2A UDP D . -12.10 10.95 -1.14
O3A UDP D . -12.89 13.28 -1.78
PB UDP D . -14.08 13.28 -2.87
O1B UDP D . -14.84 14.56 -2.81
O2B UDP D . -15.00 12.17 -2.55
O3B UDP D . -13.52 13.09 -4.23
MN MN E . 7.17 -9.36 13.32
N1 UDP F . -0.16 -7.32 12.02
C2 UDP F . -1.12 -6.87 11.12
N3 UDP F . -1.54 -5.56 11.10
C4 UDP F . -1.00 -4.66 11.99
C5 UDP F . -0.05 -5.10 12.91
C6 UDP F . 0.32 -6.44 12.97
O2 UDP F . -1.60 -7.67 10.32
O4 UDP F . -1.38 -3.49 11.98
C1' UDP F . 0.25 -8.73 12.00
C2' UDP F . 1.41 -8.91 11.03
O2' UDP F . 1.28 -10.14 10.35
C3' UDP F . 2.63 -8.95 11.93
C4' UDP F . 2.07 -9.59 13.20
O4' UDP F . 0.72 -9.15 13.28
O3' UDP F . 3.65 -9.73 11.34
C5' UDP F . 2.86 -9.21 14.45
O5' UDP F . 3.17 -7.83 14.41
PA UDP F . 4.70 -7.35 14.43
O1A UDP F . 4.80 -5.93 14.04
O2A UDP F . 5.41 -8.22 13.47
O3A UDP F . 5.23 -7.59 15.94
PB UDP F . 6.73 -8.05 16.31
O1B UDP F . 7.56 -6.83 16.48
O2B UDP F . 7.31 -8.89 15.24
O3B UDP F . 6.72 -8.81 17.58
#